data_6YIQ
#
_entry.id   6YIQ
#
_cell.length_a   70.959
_cell.length_b   64.877
_cell.length_c   87.456
_cell.angle_alpha   90.000
_cell.angle_beta   94.993
_cell.angle_gamma   90.000
#
_symmetry.space_group_name_H-M   'P 1 2 1'
#
loop_
_entity.id
_entity.type
_entity.pdbx_description
1 polymer 'Queuine tRNA-ribosyltransferase'
2 non-polymer 'ZINC ION'
3 non-polymer GLYCEROL
4 non-polymer 6-amino-2-(methylamino)-4-phenethyl-1,7-dihydro-8H-imidazo[4,5-g]quinazolin-8-one
5 water water
#
_entity_poly.entity_id   1
_entity_poly.type   'polypeptide(L)'
_entity_poly.pdbx_seq_one_letter_code
;GSMVEATAQETDRPRFSFSIAAREGKARTGTIEMKRGVIRTPAFMPVGTAATVKALKPETVRATGADIILGNTYHLMLRP
GAERIAKLGGLHSFMGWDRPILTDSGGYQVMSLSSLTKQSEEGVTFKSHLDGSRHMLSPERSIEIQHLLGSDIVMAFDEC
TPYPATPSRAASSMERSMRWAKRSRDAFDSRKEQAENAALFGIQQGSVFENLRQQSADALAEIGFDGYAVGGLAVGEGQD
EMFRVLDFSVPMLPDDKPHYLMGVGKPDDIVGAVERGIDMFDCVLPTRSGRNGQAFTWDGPINIRNARFSEDLKPLDSEC
HCAVCQKWSRAYIHHLIRAGEILGAMLMTEHNIAFYQQLMQKIRDSISEGRFSQFAQDFRARYFARNS
;
_entity_poly.pdbx_strand_id   A,B
#
loop_
_chem_comp.id
_chem_comp.type
_chem_comp.name
_chem_comp.formula
GOL non-polymer GLYCEROL 'C3 H8 O3'
OQN non-polymer 6-amino-2-(methylamino)-4-phenethyl-1,7-dihydro-8H-imidazo[4,5-g]quinazolin-8-one 'C18 H18 N6 O'
ZN non-polymer 'ZINC ION' 'Zn 2'
#
# COMPACT_ATOMS: atom_id res chain seq x y z
N ASP A 12 10.04 26.32 14.93
CA ASP A 12 11.05 25.46 15.55
C ASP A 12 10.39 24.33 16.35
N ARG A 13 10.77 23.09 16.05
CA ARG A 13 10.20 21.96 16.76
C ARG A 13 10.63 21.99 18.23
N PRO A 14 9.83 21.40 19.11
CA PRO A 14 10.20 21.34 20.53
C PRO A 14 11.29 20.31 20.76
N ARG A 15 11.90 20.37 21.94
CA ARG A 15 12.80 19.31 22.39
C ARG A 15 12.12 17.95 22.31
N PHE A 16 10.89 17.87 22.79
CA PHE A 16 10.16 16.61 22.82
C PHE A 16 8.68 16.89 22.98
N SER A 17 7.87 16.37 22.07
CA SER A 17 6.43 16.41 22.21
C SER A 17 5.83 15.16 21.59
N PHE A 18 5.06 14.42 22.36
CA PHE A 18 4.34 13.25 21.87
C PHE A 18 2.87 13.56 21.77
N SER A 19 2.30 13.38 20.57
CA SER A 19 0.90 13.61 20.29
C SER A 19 0.29 12.33 19.75
N ILE A 20 -0.85 11.93 20.31
CA ILE A 20 -1.59 10.77 19.86
C ILE A 20 -2.72 11.25 18.96
N ALA A 21 -2.71 10.79 17.71
CA ALA A 21 -3.69 11.22 16.73
C ALA A 21 -4.90 10.30 16.63
N ALA A 22 -4.72 9.01 16.91
CA ALA A 22 -5.79 8.05 16.79
C ALA A 22 -5.50 6.85 17.68
N ARG A 23 -6.59 6.23 18.13
N ARG A 23 -6.60 6.25 18.15
CA ARG A 23 -6.51 5.07 18.99
CA ARG A 23 -6.53 5.05 18.98
C ARG A 23 -7.48 4.00 18.50
C ARG A 23 -7.43 3.98 18.39
N GLU A 24 -7.12 2.74 18.74
CA GLU A 24 -8.03 1.62 18.50
C GLU A 24 -7.71 0.59 19.57
N GLY A 25 -8.61 0.41 20.52
CA GLY A 25 -8.26 -0.43 21.66
C GLY A 25 -7.10 0.18 22.41
N LYS A 26 -6.10 -0.65 22.74
CA LYS A 26 -4.88 -0.14 23.37
C LYS A 26 -3.87 0.40 22.37
N ALA A 27 -4.11 0.20 21.08
CA ALA A 27 -3.18 0.67 20.05
C ALA A 27 -3.34 2.18 19.82
N ARG A 28 -2.21 2.84 19.58
CA ARG A 28 -2.15 4.27 19.30
C ARG A 28 -1.29 4.54 18.09
N THR A 29 -1.60 5.62 17.39
CA THR A 29 -0.71 6.15 16.36
C THR A 29 -0.62 7.65 16.56
N GLY A 30 0.58 8.17 16.28
CA GLY A 30 0.83 9.58 16.52
C GLY A 30 2.23 10.00 16.10
N THR A 31 2.76 11.03 16.76
CA THR A 31 4.05 11.57 16.39
C THR A 31 4.81 12.03 17.63
N ILE A 32 6.11 11.84 17.59
CA ILE A 32 7.05 12.46 18.50
C ILE A 32 7.74 13.57 17.71
N GLU A 33 7.62 14.80 18.17
CA GLU A 33 8.38 15.89 17.57
C GLU A 33 9.63 16.14 18.40
N MET A 34 10.78 16.18 17.73
CA MET A 34 12.05 16.51 18.36
C MET A 34 12.74 17.54 17.49
N LYS A 35 13.79 18.15 18.03
CA LYS A 35 14.43 19.23 17.27
C LYS A 35 14.93 18.74 15.92
N ARG A 36 15.45 17.52 15.84
N ARG A 36 15.45 17.51 15.84
CA ARG A 36 16.02 17.04 14.58
CA ARG A 36 16.03 17.00 14.61
C ARG A 36 15.00 16.41 13.65
C ARG A 36 15.04 16.27 13.71
N GLY A 37 13.77 16.15 14.10
CA GLY A 37 12.79 15.57 13.20
C GLY A 37 11.57 15.06 13.92
N VAL A 38 10.60 14.62 13.13
CA VAL A 38 9.36 14.05 13.59
C VAL A 38 9.45 12.54 13.44
N ILE A 39 9.03 11.81 14.47
CA ILE A 39 9.00 10.35 14.45
C ILE A 39 7.55 9.89 14.45
N ARG A 40 7.15 9.17 13.41
CA ARG A 40 5.80 8.61 13.33
C ARG A 40 5.72 7.31 14.12
N THR A 41 4.67 7.17 14.92
CA THR A 41 4.51 6.01 15.78
C THR A 41 3.20 5.31 15.44
N PRO A 42 3.16 3.97 15.52
CA PRO A 42 4.29 3.12 15.93
C PRO A 42 5.48 3.13 14.97
N ALA A 43 6.67 3.11 15.57
CA ALA A 43 7.93 3.33 14.88
C ALA A 43 8.79 2.09 14.97
N PHE A 44 9.47 1.76 13.87
CA PHE A 44 10.58 0.83 13.92
C PHE A 44 11.88 1.58 13.72
N MET A 45 12.86 1.27 14.56
CA MET A 45 14.13 2.00 14.63
C MET A 45 15.26 1.08 14.23
N PRO A 46 15.72 1.15 12.99
CA PRO A 46 16.81 0.27 12.53
C PRO A 46 18.18 0.69 13.03
N VAL A 47 19.08 -0.28 13.03
CA VAL A 47 20.48 0.00 13.32
C VAL A 47 21.01 0.92 12.24
N GLY A 48 21.72 1.99 12.64
CA GLY A 48 22.16 2.96 11.65
C GLY A 48 23.30 2.50 10.77
N THR A 49 24.10 1.55 11.25
CA THR A 49 25.18 1.01 10.43
C THR A 49 24.72 -0.11 9.52
N ALA A 50 23.42 -0.44 9.52
CA ALA A 50 22.92 -1.56 8.72
C ALA A 50 23.06 -1.31 7.22
N ALA A 51 22.74 -0.12 6.78
CA ALA A 51 22.77 0.20 5.35
C ALA A 51 22.69 1.72 5.24
N THR A 52 22.78 2.23 4.02
CA THR A 52 22.47 3.65 3.80
C THR A 52 20.97 3.80 4.03
N VAL A 53 20.56 4.14 5.25
CA VAL A 53 19.15 4.32 5.56
C VAL A 53 18.66 5.73 5.22
N GLY A 65 11.14 4.69 4.55
CA GLY A 65 12.07 5.53 5.29
C GLY A 65 11.91 5.62 6.80
N ALA A 66 12.98 5.31 7.51
CA ALA A 66 13.01 5.42 8.97
C ALA A 66 13.08 6.88 9.40
N ASP A 67 12.46 7.17 10.54
CA ASP A 67 12.49 8.52 11.13
C ASP A 67 13.57 8.68 12.20
N ILE A 68 14.11 7.57 12.71
CA ILE A 68 15.10 7.59 13.79
C ILE A 68 15.90 6.32 13.61
N ILE A 69 17.19 6.38 13.96
CA ILE A 69 18.07 5.20 13.91
C ILE A 69 18.72 5.01 15.27
N LEU A 70 19.27 3.80 15.45
CA LEU A 70 19.96 3.41 16.66
C LEU A 70 21.47 3.53 16.54
N GLY A 71 22.07 4.09 17.57
CA GLY A 71 23.50 3.95 17.82
C GLY A 71 23.76 2.82 18.78
N ASN A 72 24.90 2.17 18.62
CA ASN A 72 25.27 1.03 19.45
C ASN A 72 26.28 1.49 20.51
N THR A 73 25.76 1.96 21.65
CA THR A 73 26.59 2.53 22.69
C THR A 73 27.72 1.60 23.08
N TYR A 74 27.40 0.34 23.35
CA TYR A 74 28.40 -0.60 23.82
C TYR A 74 29.54 -0.72 22.82
N HIS A 75 29.21 -0.94 21.54
CA HIS A 75 30.29 -1.03 20.57
C HIS A 75 31.05 0.29 20.50
N LEU A 76 30.33 1.42 20.52
CA LEU A 76 30.97 2.71 20.28
C LEU A 76 31.89 3.08 21.44
N MET A 77 31.58 2.65 22.66
N MET A 77 31.53 2.68 22.66
CA MET A 77 32.49 2.95 23.75
CA MET A 77 32.45 2.84 23.79
C MET A 77 33.76 2.10 23.70
C MET A 77 33.80 2.22 23.47
N LEU A 78 33.77 1.02 22.90
CA LEU A 78 34.97 0.21 22.73
C LEU A 78 35.75 0.60 21.47
N ARG A 79 35.04 1.00 20.41
CA ARG A 79 35.65 1.41 19.15
C ARG A 79 34.76 2.48 18.49
N PRO A 80 35.22 3.74 18.35
CA PRO A 80 36.53 4.32 18.68
C PRO A 80 36.59 4.91 20.08
N GLY A 81 35.52 4.80 20.85
CA GLY A 81 35.44 5.45 22.14
C GLY A 81 34.56 6.69 22.03
N ALA A 82 33.81 6.97 23.08
CA ALA A 82 32.86 8.08 23.06
C ALA A 82 33.56 9.43 22.94
N GLU A 83 34.69 9.62 23.62
N GLU A 83 34.68 9.64 23.64
CA GLU A 83 35.41 10.87 23.49
CA GLU A 83 35.41 10.89 23.46
C GLU A 83 35.91 11.08 22.06
C GLU A 83 35.81 11.07 22.01
N ARG A 84 36.29 10.01 21.36
CA ARG A 84 36.72 10.14 19.98
C ARG A 84 35.55 10.48 19.07
N ILE A 85 34.40 9.85 19.30
CA ILE A 85 33.22 10.20 18.52
C ILE A 85 32.89 11.69 18.70
N ALA A 86 32.97 12.18 19.95
CA ALA A 86 32.71 13.59 20.19
C ALA A 86 33.72 14.46 19.46
N LYS A 87 35.01 14.09 19.48
CA LYS A 87 36.04 14.83 18.74
C LYS A 87 35.72 14.89 17.25
N LEU A 88 35.12 13.83 16.71
CA LEU A 88 34.75 13.78 15.30
C LEU A 88 33.45 14.52 15.01
N GLY A 89 32.82 15.11 16.01
CA GLY A 89 31.63 15.91 15.82
C GLY A 89 30.34 15.26 16.25
N GLY A 90 30.38 14.08 16.86
CA GLY A 90 29.18 13.40 17.32
C GLY A 90 28.66 12.44 16.28
N LEU A 91 27.73 11.58 16.70
CA LEU A 91 27.26 10.51 15.82
C LEU A 91 26.56 11.05 14.59
N HIS A 92 25.80 12.14 14.72
CA HIS A 92 25.08 12.63 13.55
C HIS A 92 26.05 12.95 12.43
N SER A 93 27.11 13.71 12.74
CA SER A 93 28.10 14.04 11.72
C SER A 93 28.85 12.81 11.25
N PHE A 94 29.25 11.97 12.21
CA PHE A 94 30.02 10.75 11.93
C PHE A 94 29.29 9.85 10.95
N MET A 95 28.02 9.57 11.20
CA MET A 95 27.25 8.65 10.40
C MET A 95 26.54 9.32 9.23
N GLY A 96 26.61 10.64 9.14
CA GLY A 96 25.92 11.32 8.05
C GLY A 96 24.41 11.23 8.18
N TRP A 97 23.89 11.32 9.39
CA TRP A 97 22.45 11.24 9.64
C TRP A 97 22.03 12.42 10.49
N ASP A 98 21.19 13.29 9.95
CA ASP A 98 20.84 14.53 10.65
C ASP A 98 19.50 14.45 11.38
N ARG A 99 18.89 13.29 11.42
CA ARG A 99 17.61 13.07 12.07
C ARG A 99 17.85 12.48 13.44
N PRO A 100 16.81 12.18 14.23
CA PRO A 100 17.06 11.69 15.59
C PRO A 100 17.80 10.36 15.60
N ILE A 101 18.55 10.16 16.69
CA ILE A 101 19.25 8.94 17.02
C ILE A 101 18.89 8.54 18.44
N LEU A 102 18.58 7.28 18.65
CA LEU A 102 18.43 6.72 19.99
C LEU A 102 19.63 5.84 20.33
N THR A 103 20.12 5.96 21.57
CA THR A 103 21.20 5.11 22.08
C THR A 103 20.72 4.38 23.31
N ASP A 104 21.17 3.12 23.46
CA ASP A 104 20.95 2.39 24.69
C ASP A 104 22.01 2.81 25.72
N SER A 105 21.79 2.39 26.96
CA SER A 105 22.62 2.84 28.05
C SER A 105 23.87 2.00 28.25
N GLY A 106 23.97 0.84 27.61
CA GLY A 106 25.21 0.10 27.52
C GLY A 106 25.29 -1.10 28.43
N GLY A 107 24.50 -1.16 29.50
CA GLY A 107 24.63 -2.25 30.44
C GLY A 107 24.08 -3.58 29.92
N TYR A 108 22.93 -3.55 29.24
CA TYR A 108 22.40 -4.75 28.61
C TYR A 108 23.45 -5.40 27.74
N GLN A 109 24.09 -4.61 26.89
CA GLN A 109 25.10 -5.14 26.00
C GLN A 109 26.30 -5.67 26.79
N VAL A 110 26.74 -4.95 27.83
CA VAL A 110 27.86 -5.42 28.64
C VAL A 110 27.56 -6.79 29.23
N MET A 111 26.35 -6.97 29.76
CA MET A 111 26.04 -8.25 30.38
C MET A 111 25.88 -9.37 29.34
N SER A 112 25.49 -9.02 28.12
CA SER A 112 25.50 -9.97 27.01
C SER A 112 26.91 -10.02 26.40
N THR A 117 32.88 -9.38 34.11
CA THR A 117 31.91 -8.42 34.64
C THR A 117 31.74 -8.53 36.15
N LYS A 118 31.83 -7.39 36.81
CA LYS A 118 31.62 -7.28 38.26
C LYS A 118 30.60 -6.20 38.50
N GLN A 119 29.47 -6.58 39.11
CA GLN A 119 28.36 -5.69 39.37
C GLN A 119 28.43 -5.18 40.80
N SER A 120 28.02 -3.92 41.01
CA SER A 120 27.89 -3.37 42.35
C SER A 120 26.87 -2.24 42.27
N GLU A 121 26.53 -1.69 43.44
CA GLU A 121 25.60 -0.56 43.46
C GLU A 121 26.12 0.62 42.62
N GLU A 122 27.43 0.71 42.43
CA GLU A 122 27.96 1.84 41.67
C GLU A 122 27.72 1.71 40.19
N GLY A 123 27.77 0.48 39.68
CA GLY A 123 27.70 0.21 38.25
C GLY A 123 28.33 -1.14 37.93
N VAL A 124 28.86 -1.24 36.73
CA VAL A 124 29.48 -2.47 36.26
C VAL A 124 30.86 -2.16 35.73
N THR A 125 31.82 -3.03 36.08
CA THR A 125 33.17 -3.02 35.53
C THR A 125 33.31 -4.19 34.56
N PHE A 126 34.07 -3.97 33.48
CA PHE A 126 34.30 -5.01 32.49
C PHE A 126 35.56 -4.67 31.70
N LYS A 127 36.13 -5.71 31.09
CA LYS A 127 37.33 -5.56 30.26
C LYS A 127 36.99 -5.76 28.78
N SER A 128 37.63 -4.94 27.94
CA SER A 128 37.43 -4.99 26.50
C SER A 128 38.17 -6.17 25.88
N HIS A 129 37.46 -6.97 25.10
CA HIS A 129 38.11 -8.04 24.35
C HIS A 129 39.01 -7.51 23.25
N LEU A 130 38.83 -6.26 22.82
CA LEU A 130 39.54 -5.75 21.65
C LEU A 130 40.95 -5.24 21.98
N ASP A 131 41.15 -4.74 23.20
CA ASP A 131 42.48 -4.26 23.57
C ASP A 131 42.80 -4.43 25.05
N GLY A 132 41.94 -5.08 25.84
CA GLY A 132 42.21 -5.31 27.24
C GLY A 132 41.92 -4.14 28.17
N SER A 133 41.61 -2.97 27.63
CA SER A 133 41.35 -1.81 28.48
C SER A 133 40.19 -2.09 29.41
N ARG A 134 40.26 -1.55 30.63
CA ARG A 134 39.18 -1.66 31.58
C ARG A 134 38.21 -0.51 31.40
N HIS A 135 36.93 -0.78 31.62
CA HIS A 135 35.90 0.24 31.51
C HIS A 135 34.94 0.07 32.67
N MET A 136 34.45 1.19 33.20
CA MET A 136 33.36 1.19 34.17
C MET A 136 32.15 1.83 33.52
N LEU A 137 30.99 1.30 33.85
CA LEU A 137 29.74 1.88 33.42
C LEU A 137 28.90 2.07 34.65
N SER A 138 28.45 3.29 34.85
CA SER A 138 27.55 3.70 35.93
C SER A 138 26.45 4.51 35.30
N PRO A 139 25.38 4.81 36.05
CA PRO A 139 24.40 5.77 35.52
C PRO A 139 25.04 7.05 35.03
N GLU A 140 25.94 7.63 35.82
CA GLU A 140 26.54 8.90 35.44
C GLU A 140 27.40 8.75 34.19
N ARG A 141 28.20 7.70 34.11
CA ARG A 141 29.06 7.54 32.95
C ARG A 141 28.25 7.19 31.72
N SER A 142 27.20 6.40 31.89
CA SER A 142 26.37 6.06 30.74
C SER A 142 25.75 7.31 30.11
N ILE A 143 25.18 8.17 30.94
CA ILE A 143 24.63 9.42 30.44
C ILE A 143 25.71 10.28 29.79
N GLU A 144 26.90 10.35 30.38
N GLU A 144 26.91 10.35 30.40
CA GLU A 144 27.95 11.15 29.76
CA GLU A 144 27.99 11.12 29.80
C GLU A 144 28.37 10.58 28.41
C GLU A 144 28.34 10.57 28.42
N ILE A 145 28.51 9.26 28.31
CA ILE A 145 28.83 8.63 27.02
C ILE A 145 27.76 8.99 25.99
N GLN A 146 26.48 8.85 26.37
CA GLN A 146 25.42 9.15 25.40
C GLN A 146 25.42 10.61 25.03
N HIS A 147 25.82 11.46 25.94
CA HIS A 147 25.95 12.88 25.63
C HIS A 147 27.07 13.11 24.62
N LEU A 148 28.22 12.46 24.84
CA LEU A 148 29.35 12.59 23.93
C LEU A 148 28.99 12.07 22.54
N LEU A 149 28.20 10.99 22.48
CA LEU A 149 27.74 10.47 21.21
C LEU A 149 26.76 11.43 20.54
N GLY A 150 26.07 12.26 21.31
CA GLY A 150 25.16 13.23 20.76
C GLY A 150 23.78 12.70 20.45
N SER A 151 23.35 11.65 21.11
CA SER A 151 22.06 11.08 20.81
C SER A 151 20.91 11.95 21.27
N ASP A 152 19.79 11.83 20.55
CA ASP A 152 18.58 12.60 20.82
C ASP A 152 17.69 11.93 21.84
N ILE A 153 17.61 10.60 21.81
CA ILE A 153 16.89 9.85 22.83
C ILE A 153 17.88 9.01 23.58
N VAL A 154 17.97 9.29 24.88
CA VAL A 154 18.93 8.71 25.83
C VAL A 154 18.16 7.74 26.71
N MET A 155 18.70 6.52 26.85
CA MET A 155 18.11 5.54 27.75
C MET A 155 18.75 5.64 29.13
N ALA A 156 17.93 5.59 30.16
CA ALA A 156 18.45 5.44 31.53
C ALA A 156 19.31 4.17 31.63
N PHE A 157 20.26 4.20 32.56
CA PHE A 157 21.12 3.06 32.81
C PHE A 157 20.41 2.09 33.75
N ASP A 158 20.16 0.87 33.26
CA ASP A 158 19.38 -0.12 33.98
C ASP A 158 20.16 -1.43 34.05
N GLU A 159 19.55 -2.37 34.76
CA GLU A 159 19.98 -3.76 34.78
C GLU A 159 18.88 -4.61 34.14
N CYS A 160 19.20 -5.27 33.03
CA CYS A 160 18.25 -6.18 32.40
C CYS A 160 18.27 -7.48 33.18
N THR A 161 17.19 -7.80 33.84
CA THR A 161 17.17 -8.99 34.70
C THR A 161 17.18 -10.25 33.84
N PRO A 162 18.04 -11.23 34.14
CA PRO A 162 18.01 -12.48 33.38
C PRO A 162 16.69 -13.23 33.56
N TYR A 163 16.36 -14.03 32.56
CA TYR A 163 15.16 -14.83 32.52
C TYR A 163 15.55 -16.31 32.49
N PRO A 164 14.94 -17.15 33.33
CA PRO A 164 14.01 -16.79 34.39
C PRO A 164 14.71 -16.21 35.61
N ALA A 165 13.93 -15.49 36.40
CA ALA A 165 14.40 -14.92 37.63
C ALA A 165 13.43 -15.28 38.73
N THR A 166 13.94 -15.56 39.93
CA THR A 166 13.03 -15.74 41.04
C THR A 166 12.45 -14.38 41.44
N PRO A 167 11.33 -14.41 42.14
CA PRO A 167 10.76 -13.13 42.62
C PRO A 167 11.76 -12.30 43.41
N SER A 168 12.57 -12.92 44.26
N SER A 168 12.57 -12.92 44.25
CA SER A 168 13.49 -12.13 45.09
CA SER A 168 13.49 -12.17 45.09
C SER A 168 14.56 -11.48 44.23
C SER A 168 14.59 -11.51 44.28
N ARG A 169 15.15 -12.24 43.31
CA ARG A 169 16.21 -11.69 42.48
C ARG A 169 15.66 -10.64 41.54
N ALA A 170 14.46 -10.87 41.02
CA ALA A 170 13.83 -9.89 40.14
C ALA A 170 13.54 -8.61 40.91
N ALA A 171 13.11 -8.74 42.16
CA ALA A 171 12.81 -7.54 42.95
C ALA A 171 14.08 -6.76 43.27
N SER A 172 15.13 -7.47 43.72
CA SER A 172 16.39 -6.82 44.03
C SER A 172 16.95 -6.11 42.83
N SER A 173 16.88 -6.77 41.67
CA SER A 173 17.39 -6.17 40.44
C SER A 173 16.58 -4.96 40.04
N MET A 174 15.25 -5.08 40.04
CA MET A 174 14.41 -3.95 39.71
C MET A 174 14.66 -2.78 40.64
N GLU A 175 14.84 -3.07 41.95
CA GLU A 175 15.03 -2.00 42.91
C GLU A 175 16.31 -1.25 42.61
N ARG A 176 17.36 -1.99 42.28
CA ARG A 176 18.62 -1.36 41.88
C ARG A 176 18.43 -0.52 40.62
N SER A 177 17.73 -1.06 39.61
CA SER A 177 17.46 -0.29 38.40
C SER A 177 16.72 1.02 38.72
N MET A 178 15.79 1.00 39.65
CA MET A 178 15.07 2.22 39.96
C MET A 178 15.96 3.26 40.65
N ARG A 179 16.90 2.80 41.51
CA ARG A 179 17.87 3.75 42.04
C ARG A 179 18.76 4.31 40.93
N TRP A 180 19.18 3.45 40.01
CA TRP A 180 19.96 3.90 38.85
C TRP A 180 19.18 4.81 37.92
N ALA A 181 17.86 4.64 37.84
CA ALA A 181 17.04 5.52 37.02
C ALA A 181 17.04 6.94 37.56
N LYS A 182 16.96 7.08 38.89
CA LYS A 182 17.02 8.40 39.50
C LYS A 182 18.40 9.01 39.28
N ARG A 183 19.47 8.21 39.43
CA ARG A 183 20.80 8.73 39.16
C ARG A 183 20.95 9.14 37.69
N SER A 184 20.30 8.39 36.78
CA SER A 184 20.35 8.72 35.35
C SER A 184 19.66 10.06 35.10
N ARG A 185 18.48 10.24 35.70
CA ARG A 185 17.73 11.49 35.60
C ARG A 185 18.58 12.68 36.04
N ASP A 186 19.24 12.55 37.19
CA ASP A 186 20.00 13.67 37.74
C ASP A 186 21.20 13.95 36.87
N ALA A 187 21.88 12.90 36.38
CA ALA A 187 23.03 13.12 35.51
C ALA A 187 22.62 13.82 34.23
N PHE A 188 21.53 13.39 33.64
CA PHE A 188 21.01 14.01 32.41
C PHE A 188 20.68 15.48 32.63
N ASP A 189 19.99 15.78 33.74
CA ASP A 189 19.57 17.14 34.00
C ASP A 189 20.72 18.08 34.31
N SER A 190 21.87 17.53 34.70
N SER A 190 21.88 17.54 34.72
CA SER A 190 23.04 18.32 35.08
CA SER A 190 23.02 18.36 35.05
C SER A 190 23.90 18.73 33.88
C SER A 190 23.74 18.90 33.83
N ARG A 191 23.53 18.29 32.68
CA ARG A 191 24.21 18.64 31.45
C ARG A 191 23.24 19.48 30.64
N LYS A 192 23.47 20.79 30.62
CA LYS A 192 22.50 21.72 30.05
C LYS A 192 22.20 21.42 28.59
N GLU A 193 23.23 21.18 27.78
CA GLU A 193 22.98 20.94 26.36
C GLU A 193 22.14 19.68 26.19
N GLN A 194 22.38 18.69 27.04
CA GLN A 194 21.62 17.46 26.93
C GLN A 194 20.18 17.67 27.40
N ALA A 195 20.02 18.29 28.57
CA ALA A 195 18.69 18.54 29.12
C ALA A 195 17.83 19.39 28.18
N GLU A 196 18.44 20.30 27.44
CA GLU A 196 17.67 21.23 26.61
C GLU A 196 17.40 20.70 25.20
N ASN A 197 18.16 19.70 24.73
CA ASN A 197 18.06 19.25 23.35
C ASN A 197 17.74 17.78 23.16
N ALA A 198 17.93 16.95 24.17
CA ALA A 198 17.70 15.52 24.09
C ALA A 198 16.52 15.15 24.99
N ALA A 199 16.11 13.89 24.92
CA ALA A 199 15.08 13.32 25.78
C ALA A 199 15.63 12.10 26.52
N LEU A 200 15.03 11.80 27.67
CA LEU A 200 15.46 10.70 28.52
C LEU A 200 14.30 9.74 28.74
N PHE A 201 14.51 8.45 28.44
CA PHE A 201 13.50 7.43 28.70
C PHE A 201 13.90 6.62 29.94
N GLY A 202 12.90 6.32 30.79
CA GLY A 202 13.09 5.38 31.88
C GLY A 202 12.72 3.98 31.41
N ILE A 203 13.31 2.98 32.06
CA ILE A 203 13.13 1.57 31.66
C ILE A 203 12.50 0.79 32.80
N GLN A 204 11.33 0.24 32.53
CA GLN A 204 10.64 -0.62 33.49
C GLN A 204 11.28 -1.99 33.55
N GLN A 205 11.47 -2.51 34.76
CA GLN A 205 11.95 -3.88 34.93
C GLN A 205 10.94 -4.61 35.81
N GLY A 206 11.34 -5.75 36.36
CA GLY A 206 10.43 -6.53 37.19
C GLY A 206 10.14 -7.93 36.67
N SER A 207 10.88 -8.33 35.64
CA SER A 207 10.79 -9.68 35.08
C SER A 207 9.34 -9.94 34.66
N VAL A 208 8.76 -11.09 34.97
CA VAL A 208 7.41 -11.41 34.55
C VAL A 208 6.39 -11.19 35.66
N PHE A 209 6.74 -10.45 36.71
CA PHE A 209 5.93 -10.38 37.91
C PHE A 209 5.16 -9.07 37.96
N GLU A 210 3.84 -9.18 37.98
CA GLU A 210 2.97 -8.02 37.92
C GLU A 210 3.27 -7.04 39.03
N ASN A 211 3.41 -7.52 40.27
CA ASN A 211 3.60 -6.57 41.37
C ASN A 211 4.90 -5.79 41.21
N LEU A 212 5.96 -6.45 40.74
CA LEU A 212 7.23 -5.75 40.55
C LEU A 212 7.16 -4.77 39.38
N ARG A 213 6.46 -5.16 38.31
CA ARG A 213 6.27 -4.24 37.19
C ARG A 213 5.53 -2.99 37.65
N GLN A 214 4.57 -3.16 38.56
CA GLN A 214 3.81 -2.01 39.07
C GLN A 214 4.70 -1.11 39.91
N GLN A 215 5.49 -1.69 40.81
CA GLN A 215 6.41 -0.88 41.61
C GLN A 215 7.39 -0.12 40.73
N SER A 216 7.88 -0.79 39.69
CA SER A 216 8.82 -0.17 38.77
C SER A 216 8.18 1.00 38.04
N ALA A 217 6.98 0.77 37.49
CA ALA A 217 6.26 1.85 36.83
C ALA A 217 6.05 3.03 37.76
N ASP A 218 5.64 2.72 39.00
CA ASP A 218 5.35 3.78 39.95
C ASP A 218 6.61 4.59 40.25
N ALA A 219 7.74 3.91 40.41
CA ALA A 219 9.01 4.60 40.69
C ALA A 219 9.43 5.49 39.51
N LEU A 220 9.28 4.98 38.28
CA LEU A 220 9.68 5.74 37.11
C LEU A 220 8.80 6.97 36.94
N ALA A 221 7.50 6.82 37.14
CA ALA A 221 6.61 7.96 36.97
C ALA A 221 6.85 9.01 38.05
N GLU A 222 7.24 8.60 39.25
CA GLU A 222 7.54 9.58 40.29
C GLU A 222 8.79 10.38 39.95
N ILE A 223 9.78 9.74 39.31
CA ILE A 223 10.96 10.44 38.83
C ILE A 223 10.58 11.36 37.67
N GLY A 224 9.82 10.84 36.72
CA GLY A 224 9.40 11.57 35.55
C GLY A 224 10.39 11.43 34.41
N PHE A 225 9.93 10.90 33.28
CA PHE A 225 10.73 10.75 32.07
C PHE A 225 9.92 11.21 30.86
N ASP A 226 10.63 11.37 29.73
CA ASP A 226 9.97 11.77 28.49
C ASP A 226 9.27 10.61 27.81
N GLY A 227 9.77 9.40 28.02
CA GLY A 227 9.13 8.20 27.51
C GLY A 227 9.51 7.07 28.42
N TYR A 228 8.85 5.93 28.21
CA TYR A 228 8.97 4.77 29.10
C TYR A 228 9.20 3.53 28.27
N ALA A 229 10.26 2.82 28.57
CA ALA A 229 10.55 1.57 27.89
C ALA A 229 10.13 0.41 28.77
N VAL A 230 9.70 -0.66 28.12
CA VAL A 230 9.48 -1.93 28.79
C VAL A 230 10.75 -2.74 28.61
N GLY A 231 11.55 -2.84 29.68
CA GLY A 231 12.77 -3.61 29.63
C GLY A 231 12.54 -5.02 30.10
N GLY A 232 13.61 -5.83 29.98
CA GLY A 232 13.63 -7.15 30.55
C GLY A 232 12.85 -8.18 29.78
N LEU A 233 12.42 -7.87 28.56
CA LEU A 233 11.76 -8.84 27.72
C LEU A 233 12.62 -9.11 26.48
N ALA A 234 12.14 -10.03 25.66
CA ALA A 234 12.92 -10.50 24.50
C ALA A 234 14.26 -11.07 24.97
N VAL A 235 14.22 -11.84 26.04
CA VAL A 235 15.42 -12.43 26.61
C VAL A 235 15.21 -13.93 26.79
N GLY A 236 14.37 -14.51 25.95
CA GLY A 236 14.19 -15.94 25.92
C GLY A 236 12.86 -16.44 26.40
N GLU A 237 11.94 -15.55 26.75
CA GLU A 237 10.70 -15.98 27.40
C GLU A 237 9.66 -16.53 26.42
N GLY A 238 9.77 -16.23 25.13
CA GLY A 238 8.75 -16.67 24.22
C GLY A 238 7.59 -15.68 24.11
N GLN A 239 6.88 -15.75 22.98
CA GLN A 239 5.89 -14.72 22.65
C GLN A 239 4.70 -14.78 23.59
N ASP A 240 4.21 -15.98 23.91
CA ASP A 240 3.04 -16.06 24.79
C ASP A 240 3.31 -15.36 26.11
N GLU A 241 4.45 -15.64 26.73
CA GLU A 241 4.79 -15.03 28.01
C GLU A 241 5.03 -13.53 27.87
N MET A 242 5.76 -13.13 26.81
N MET A 242 5.74 -13.13 26.80
CA MET A 242 5.97 -11.71 26.58
CA MET A 242 5.99 -11.72 26.57
C MET A 242 4.65 -10.97 26.50
C MET A 242 4.68 -10.94 26.45
N PHE A 243 3.71 -11.48 25.70
CA PHE A 243 2.43 -10.83 25.57
C PHE A 243 1.67 -10.79 26.89
N ARG A 244 1.74 -11.89 27.65
CA ARG A 244 1.12 -11.91 28.97
C ARG A 244 1.66 -10.80 29.86
N VAL A 245 2.97 -10.59 29.87
CA VAL A 245 3.56 -9.52 30.67
C VAL A 245 3.15 -8.14 30.12
N LEU A 246 3.13 -7.99 28.79
CA LEU A 246 2.71 -6.70 28.21
C LEU A 246 1.24 -6.39 28.55
N ASP A 247 0.39 -7.40 28.56
CA ASP A 247 -1.02 -7.19 28.88
C ASP A 247 -1.21 -6.38 30.16
N PHE A 248 -0.46 -6.70 31.23
CA PHE A 248 -0.59 -5.91 32.44
C PHE A 248 0.48 -4.84 32.60
N SER A 249 1.61 -4.93 31.90
CA SER A 249 2.69 -3.96 32.16
C SER A 249 2.50 -2.62 31.45
N VAL A 250 2.03 -2.61 30.21
CA VAL A 250 1.99 -1.36 29.46
C VAL A 250 0.95 -0.41 30.06
N PRO A 251 -0.23 -0.90 30.51
CA PRO A 251 -1.19 0.01 31.16
C PRO A 251 -0.67 0.70 32.42
N MET A 252 0.40 0.18 33.02
CA MET A 252 0.97 0.82 34.20
C MET A 252 1.74 2.09 33.87
N LEU A 253 2.19 2.22 32.62
CA LEU A 253 2.99 3.35 32.21
C LEU A 253 2.08 4.54 31.93
N PRO A 254 2.60 5.75 32.03
CA PRO A 254 1.79 6.91 31.65
C PRO A 254 1.28 6.77 30.22
N ASP A 255 -0.04 6.98 30.06
CA ASP A 255 -0.66 6.83 28.75
C ASP A 255 -0.16 7.88 27.76
N ASP A 256 0.12 9.09 28.25
CA ASP A 256 0.41 10.21 27.38
C ASP A 256 1.86 10.30 26.97
N LYS A 257 2.66 9.27 27.24
CA LYS A 257 4.04 9.26 26.83
C LYS A 257 4.33 8.00 26.02
N PRO A 258 5.33 8.05 25.14
CA PRO A 258 5.61 6.89 24.28
C PRO A 258 6.07 5.68 25.08
N HIS A 259 5.76 4.50 24.54
CA HIS A 259 6.10 3.21 25.13
C HIS A 259 7.01 2.43 24.18
N TYR A 260 8.22 2.11 24.63
CA TYR A 260 9.25 1.47 23.79
C TYR A 260 9.52 0.07 24.32
N LEU A 261 9.28 -0.93 23.48
CA LEU A 261 9.53 -2.33 23.85
C LEU A 261 10.90 -2.70 23.33
N MET A 262 11.85 -2.87 24.24
CA MET A 262 13.25 -3.03 23.86
C MET A 262 13.49 -4.44 23.36
N GLY A 263 14.10 -4.54 22.19
CA GLY A 263 14.51 -5.82 21.68
C GLY A 263 13.49 -6.54 20.80
N VAL A 264 12.32 -5.96 20.60
CA VAL A 264 11.24 -6.60 19.85
C VAL A 264 11.06 -5.86 18.53
N GLY A 265 11.02 -6.58 17.42
CA GLY A 265 11.11 -8.03 17.35
C GLY A 265 10.70 -8.49 15.95
N LYS A 266 10.28 -9.74 15.86
CA LYS A 266 9.76 -10.26 14.62
C LYS A 266 8.45 -9.58 14.25
N PRO A 267 8.08 -9.59 12.96
CA PRO A 267 6.85 -8.88 12.54
C PRO A 267 5.60 -9.23 13.35
N ASP A 268 5.40 -10.51 13.66
N ASP A 268 5.37 -10.51 13.67
CA ASP A 268 4.23 -10.88 14.45
CA ASP A 268 4.19 -10.83 14.48
C ASP A 268 4.35 -10.38 15.90
C ASP A 268 4.34 -10.33 15.91
N ASP A 269 5.56 -10.32 16.45
CA ASP A 269 5.76 -9.73 17.77
C ASP A 269 5.36 -8.25 17.76
N ILE A 270 5.75 -7.54 16.71
CA ILE A 270 5.45 -6.11 16.63
C ILE A 270 3.96 -5.90 16.60
N VAL A 271 3.26 -6.65 15.74
CA VAL A 271 1.81 -6.45 15.63
C VAL A 271 1.13 -6.68 16.97
N GLY A 272 1.49 -7.77 17.65
CA GLY A 272 0.87 -8.07 18.93
C GLY A 272 1.22 -7.05 20.00
N ALA A 273 2.45 -6.54 19.99
CA ALA A 273 2.86 -5.51 20.93
C ALA A 273 2.13 -4.20 20.68
N VAL A 274 1.90 -3.84 19.40
CA VAL A 274 1.13 -2.63 19.11
C VAL A 274 -0.30 -2.79 19.62
N GLU A 275 -0.89 -3.99 19.46
CA GLU A 275 -2.21 -4.27 20.02
C GLU A 275 -2.25 -4.08 21.53
N ARG A 276 -1.09 -4.11 22.17
CA ARG A 276 -1.00 -3.99 23.61
C ARG A 276 -0.47 -2.63 24.05
N GLY A 277 -0.38 -1.65 23.14
CA GLY A 277 -0.04 -0.29 23.48
C GLY A 277 1.41 0.14 23.30
N ILE A 278 2.25 -0.63 22.58
CA ILE A 278 3.64 -0.26 22.34
C ILE A 278 3.73 0.65 21.13
N ASP A 279 4.63 1.65 21.21
CA ASP A 279 4.81 2.68 20.20
C ASP A 279 6.14 2.63 19.47
N MET A 280 7.15 1.95 20.01
CA MET A 280 8.50 2.00 19.46
C MET A 280 9.16 0.63 19.58
N PHE A 281 9.96 0.31 18.57
CA PHE A 281 10.54 -1.01 18.40
C PHE A 281 11.95 -0.92 17.85
N ASP A 282 12.77 -1.90 18.27
CA ASP A 282 14.10 -2.16 17.74
C ASP A 282 14.27 -3.68 17.69
N CYS A 283 15.04 -4.15 16.71
CA CYS A 283 15.36 -5.57 16.66
C CYS A 283 16.54 -5.77 15.73
N VAL A 284 17.36 -6.77 16.05
CA VAL A 284 18.46 -7.17 15.18
C VAL A 284 18.02 -8.07 14.03
N LEU A 285 16.80 -8.62 14.08
CA LEU A 285 16.34 -9.59 13.09
C LEU A 285 16.58 -9.10 11.67
N PRO A 286 16.01 -7.96 11.25
CA PRO A 286 16.20 -7.54 9.86
C PRO A 286 17.65 -7.41 9.45
N THR A 287 18.49 -6.87 10.34
CA THR A 287 19.92 -6.74 10.05
C THR A 287 20.59 -8.10 10.05
N ARG A 288 20.47 -8.85 11.16
CA ARG A 288 21.08 -10.18 11.24
C ARG A 288 20.49 -11.11 10.20
N SER A 289 19.15 -11.15 10.11
CA SER A 289 18.48 -12.06 9.19
C SER A 289 19.02 -11.89 7.77
N GLY A 290 19.24 -10.65 7.35
CA GLY A 290 19.64 -10.41 5.97
C GLY A 290 20.97 -11.05 5.61
N ARG A 291 21.94 -10.99 6.52
CA ARG A 291 23.25 -11.56 6.27
C ARG A 291 23.24 -13.08 6.31
N ASN A 292 22.31 -13.68 7.06
CA ASN A 292 22.20 -15.13 7.18
C ASN A 292 21.28 -15.74 6.12
N GLY A 293 20.65 -14.91 5.28
CA GLY A 293 19.84 -15.41 4.18
C GLY A 293 18.34 -15.30 4.39
N GLN A 294 17.87 -14.76 5.50
CA GLN A 294 16.45 -14.70 5.78
C GLN A 294 15.84 -13.39 5.29
N ALA A 295 14.78 -13.49 4.50
CA ALA A 295 14.04 -12.35 3.98
C ALA A 295 12.61 -12.36 4.53
N PHE A 296 12.13 -11.20 4.96
CA PHE A 296 10.77 -11.11 5.48
C PHE A 296 9.82 -10.79 4.33
N THR A 297 8.67 -11.47 4.33
CA THR A 297 7.64 -11.26 3.33
C THR A 297 6.29 -11.29 4.04
N TRP A 298 5.24 -10.80 3.35
CA TRP A 298 3.90 -10.87 3.92
C TRP A 298 3.42 -12.30 4.06
N ASP A 299 4.07 -13.26 3.39
CA ASP A 299 3.74 -14.66 3.54
C ASP A 299 4.69 -15.37 4.50
N GLY A 300 5.38 -14.62 5.37
CA GLY A 300 6.31 -15.19 6.30
C GLY A 300 7.73 -15.07 5.84
N PRO A 301 8.66 -15.43 6.72
CA PRO A 301 10.07 -15.38 6.36
C PRO A 301 10.40 -16.52 5.40
N ILE A 302 11.39 -16.25 4.55
CA ILE A 302 11.94 -17.27 3.65
C ILE A 302 13.46 -17.25 3.80
N ASN A 303 14.10 -18.41 3.60
CA ASN A 303 15.55 -18.45 3.54
C ASN A 303 15.95 -18.51 2.08
N ILE A 304 16.42 -17.39 1.57
CA ILE A 304 16.69 -17.25 0.15
C ILE A 304 17.80 -18.18 -0.30
N ARG A 305 18.65 -18.68 0.62
CA ARG A 305 19.71 -19.58 0.18
C ARG A 305 19.16 -20.93 -0.25
N ASN A 306 17.93 -21.24 0.11
CA ASN A 306 17.35 -22.54 -0.20
C ASN A 306 17.24 -22.73 -1.70
N ALA A 307 17.53 -23.95 -2.14
CA ALA A 307 17.58 -24.26 -3.57
C ALA A 307 16.24 -24.01 -4.26
N ARG A 308 15.13 -24.00 -3.51
CA ARG A 308 13.82 -23.76 -4.11
C ARG A 308 13.71 -22.37 -4.72
N PHE A 309 14.61 -21.47 -4.40
CA PHE A 309 14.60 -20.12 -4.96
C PHE A 309 15.53 -19.96 -6.15
N SER A 310 16.25 -21.02 -6.55
CA SER A 310 17.28 -20.86 -7.59
C SER A 310 16.68 -20.46 -8.93
N GLU A 311 15.40 -20.77 -9.18
CA GLU A 311 14.75 -20.40 -10.45
C GLU A 311 13.50 -19.55 -10.22
N ASP A 312 13.38 -18.92 -9.06
CA ASP A 312 12.17 -18.18 -8.71
C ASP A 312 12.34 -16.75 -9.20
N LEU A 313 11.57 -16.38 -10.24
CA LEU A 313 11.70 -15.06 -10.85
C LEU A 313 10.86 -14.01 -10.12
N LYS A 314 10.08 -14.37 -9.10
CA LYS A 314 9.34 -13.37 -8.37
C LYS A 314 10.30 -12.53 -7.54
N PRO A 315 9.96 -11.28 -7.25
CA PRO A 315 10.75 -10.51 -6.28
C PRO A 315 10.63 -11.13 -4.88
N LEU A 316 11.49 -10.67 -3.96
CA LEU A 316 11.46 -11.23 -2.60
C LEU A 316 10.05 -11.21 -2.02
N ASP A 317 9.32 -10.12 -2.20
CA ASP A 317 7.93 -10.08 -1.81
C ASP A 317 7.11 -9.44 -2.93
N SER A 318 5.94 -10.04 -3.19
CA SER A 318 5.14 -9.69 -4.36
C SER A 318 4.56 -8.28 -4.25
N GLU A 319 4.36 -7.77 -3.04
CA GLU A 319 3.74 -6.46 -2.85
C GLU A 319 4.76 -5.38 -2.49
N CYS A 320 5.94 -5.78 -2.03
CA CYS A 320 6.92 -4.83 -1.52
C CYS A 320 7.28 -3.79 -2.57
N HIS A 321 7.31 -2.53 -2.15
CA HIS A 321 7.64 -1.42 -3.03
C HIS A 321 9.12 -1.08 -3.03
N CYS A 322 9.97 -1.81 -2.31
CA CYS A 322 11.34 -1.40 -2.16
C CYS A 322 12.08 -1.54 -3.50
N ALA A 323 13.24 -0.87 -3.58
CA ALA A 323 13.99 -0.86 -4.83
C ALA A 323 14.46 -2.26 -5.21
N VAL A 324 14.78 -3.11 -4.24
CA VAL A 324 15.21 -4.46 -4.56
C VAL A 324 14.12 -5.21 -5.29
N CYS A 325 12.90 -5.17 -4.74
CA CYS A 325 11.80 -5.92 -5.34
C CYS A 325 11.32 -5.29 -6.64
N GLN A 326 11.64 -4.00 -6.89
CA GLN A 326 11.34 -3.42 -8.20
C GLN A 326 12.25 -3.97 -9.29
N LYS A 327 13.44 -4.45 -8.95
CA LYS A 327 14.43 -4.70 -9.98
C LYS A 327 14.91 -6.14 -10.07
N TRP A 328 15.02 -6.86 -8.95
CA TRP A 328 15.70 -8.15 -8.96
C TRP A 328 14.85 -9.26 -8.38
N SER A 329 15.14 -10.46 -8.87
CA SER A 329 14.39 -11.65 -8.53
C SER A 329 15.00 -12.37 -7.34
N ARG A 330 14.17 -13.19 -6.72
CA ARG A 330 14.65 -14.16 -5.74
C ARG A 330 15.81 -14.96 -6.31
N ALA A 331 15.69 -15.39 -7.57
CA ALA A 331 16.75 -16.19 -8.16
C ALA A 331 18.09 -15.45 -8.15
N TYR A 332 18.10 -14.15 -8.46
CA TYR A 332 19.37 -13.43 -8.51
C TYR A 332 19.95 -13.23 -7.11
N ILE A 333 19.09 -12.87 -6.15
CA ILE A 333 19.58 -12.64 -4.79
C ILE A 333 20.08 -13.96 -4.19
N HIS A 334 19.36 -15.06 -4.47
CA HIS A 334 19.84 -16.39 -4.11
C HIS A 334 21.23 -16.62 -4.66
N HIS A 335 21.40 -16.34 -5.95
CA HIS A 335 22.67 -16.54 -6.61
C HIS A 335 23.79 -15.75 -5.95
N LEU A 336 23.54 -14.47 -5.67
CA LEU A 336 24.55 -13.61 -5.07
C LEU A 336 24.96 -14.13 -3.69
N ILE A 337 23.99 -14.50 -2.87
CA ILE A 337 24.33 -14.93 -1.52
C ILE A 337 25.09 -16.25 -1.58
N ARG A 338 24.64 -17.17 -2.42
CA ARG A 338 25.33 -18.44 -2.56
C ARG A 338 26.73 -18.26 -3.09
N ALA A 339 26.95 -17.24 -3.92
CA ALA A 339 28.26 -16.97 -4.45
C ALA A 339 29.16 -16.21 -3.47
N GLY A 340 28.65 -15.88 -2.28
CA GLY A 340 29.41 -15.13 -1.30
C GLY A 340 29.56 -13.66 -1.61
N GLU A 341 28.72 -13.12 -2.50
CA GLU A 341 28.84 -11.73 -2.90
C GLU A 341 28.21 -10.83 -1.86
N ILE A 342 28.95 -9.79 -1.50
CA ILE A 342 28.48 -8.80 -0.52
C ILE A 342 27.20 -8.15 -0.99
N LEU A 343 27.08 -7.93 -2.31
CA LEU A 343 25.87 -7.32 -2.85
C LEU A 343 24.63 -8.09 -2.43
N GLY A 344 24.70 -9.40 -2.36
CA GLY A 344 23.51 -10.16 -2.00
C GLY A 344 23.02 -9.85 -0.59
N ALA A 345 23.94 -9.80 0.37
CA ALA A 345 23.56 -9.45 1.73
C ALA A 345 23.02 -8.04 1.80
N MET A 346 23.64 -7.10 1.09
N MET A 346 23.64 -7.11 1.09
CA MET A 346 23.15 -5.72 1.14
CA MET A 346 23.18 -5.72 1.10
C MET A 346 21.75 -5.61 0.55
C MET A 346 21.77 -5.59 0.53
N LEU A 347 21.49 -6.30 -0.56
CA LEU A 347 20.14 -6.26 -1.12
C LEU A 347 19.13 -6.89 -0.18
N MET A 348 19.51 -8.00 0.47
CA MET A 348 18.62 -8.61 1.46
C MET A 348 18.35 -7.65 2.63
N THR A 349 19.39 -6.98 3.11
CA THR A 349 19.21 -6.07 4.24
C THR A 349 18.34 -4.89 3.84
N GLU A 350 18.59 -4.33 2.67
CA GLU A 350 17.77 -3.23 2.18
C GLU A 350 16.30 -3.63 2.11
N HIS A 351 16.03 -4.82 1.56
CA HIS A 351 14.66 -5.27 1.48
C HIS A 351 14.06 -5.42 2.87
N ASN A 352 14.80 -6.04 3.80
CA ASN A 352 14.24 -6.29 5.13
C ASN A 352 13.92 -4.99 5.84
N ILE A 353 14.84 -4.03 5.79
CA ILE A 353 14.55 -2.75 6.42
C ILE A 353 13.32 -2.10 5.78
N ALA A 354 13.23 -2.16 4.45
CA ALA A 354 12.07 -1.57 3.77
C ALA A 354 10.79 -2.30 4.13
N PHE A 355 10.85 -3.62 4.24
CA PHE A 355 9.66 -4.38 4.62
C PHE A 355 9.16 -3.94 5.99
N TYR A 356 10.08 -3.82 6.96
CA TYR A 356 9.69 -3.38 8.29
C TYR A 356 9.05 -1.99 8.25
N GLN A 357 9.62 -1.08 7.47
CA GLN A 357 9.01 0.25 7.43
C GLN A 357 7.63 0.19 6.76
N GLN A 358 7.45 -0.67 5.77
CA GLN A 358 6.12 -0.82 5.16
C GLN A 358 5.13 -1.41 6.15
N LEU A 359 5.58 -2.37 6.95
CA LEU A 359 4.78 -2.90 8.04
C LEU A 359 4.35 -1.79 9.00
N MET A 360 5.28 -0.95 9.41
CA MET A 360 4.91 0.10 10.37
C MET A 360 3.93 1.09 9.73
N GLN A 361 4.13 1.41 8.45
CA GLN A 361 3.20 2.31 7.78
C GLN A 361 1.79 1.72 7.68
N LYS A 362 1.68 0.42 7.37
CA LYS A 362 0.37 -0.21 7.33
C LYS A 362 -0.27 -0.25 8.72
N ILE A 363 0.54 -0.49 9.75
CA ILE A 363 0.04 -0.41 11.12
C ILE A 363 -0.50 0.98 11.42
N ARG A 364 0.30 2.03 11.14
CA ARG A 364 -0.14 3.39 11.43
C ARG A 364 -1.42 3.74 10.69
N ASP A 365 -1.47 3.42 9.39
CA ASP A 365 -2.65 3.71 8.60
C ASP A 365 -3.87 2.98 9.12
N SER A 366 -3.70 1.71 9.48
CA SER A 366 -4.86 0.96 9.92
C SER A 366 -5.39 1.46 11.27
N ILE A 367 -4.51 1.87 12.20
CA ILE A 367 -5.00 2.46 13.45
C ILE A 367 -5.71 3.77 13.14
N SER A 368 -5.06 4.62 12.34
N SER A 368 -5.10 4.61 12.30
CA SER A 368 -5.66 5.88 11.93
CA SER A 368 -5.71 5.89 11.99
C SER A 368 -7.07 5.66 11.37
C SER A 368 -7.03 5.73 11.24
N GLU A 369 -7.24 4.61 10.57
CA GLU A 369 -8.48 4.37 9.85
C GLU A 369 -9.45 3.51 10.63
N GLY A 370 -9.10 3.12 11.85
CA GLY A 370 -9.98 2.35 12.68
C GLY A 370 -10.18 0.92 12.26
N ARG A 371 -9.19 0.34 11.59
CA ARG A 371 -9.29 -1.04 11.10
C ARG A 371 -8.05 -1.83 11.46
N PHE A 372 -7.37 -1.46 12.55
CA PHE A 372 -6.16 -2.18 12.92
C PHE A 372 -6.47 -3.62 13.35
N SER A 373 -7.57 -3.82 14.07
CA SER A 373 -7.90 -5.18 14.48
C SER A 373 -8.03 -6.10 13.27
N GLN A 374 -8.69 -5.61 12.22
CA GLN A 374 -8.82 -6.41 11.02
C GLN A 374 -7.47 -6.60 10.36
N PHE A 375 -6.66 -5.54 10.33
CA PHE A 375 -5.32 -5.66 9.76
C PHE A 375 -4.52 -6.75 10.48
N ALA A 376 -4.59 -6.78 11.82
CA ALA A 376 -3.79 -7.74 12.57
C ALA A 376 -4.24 -9.15 12.27
N GLN A 377 -5.56 -9.37 12.23
CA GLN A 377 -6.11 -10.68 11.89
C GLN A 377 -5.71 -11.09 10.47
N ASP A 378 -5.84 -10.18 9.50
CA ASP A 378 -5.46 -10.51 8.14
C ASP A 378 -3.96 -10.75 8.04
N PHE A 379 -3.17 -9.93 8.73
CA PHE A 379 -1.73 -10.11 8.71
C PHE A 379 -1.34 -11.50 9.18
N ARG A 380 -1.88 -11.92 10.33
CA ARG A 380 -1.49 -13.20 10.90
C ARG A 380 -1.96 -14.36 10.05
N ALA A 381 -3.17 -14.28 9.49
CA ALA A 381 -3.63 -15.38 8.65
C ALA A 381 -2.69 -15.61 7.48
N ARG A 382 -2.24 -14.54 6.83
CA ARG A 382 -1.33 -14.70 5.70
C ARG A 382 0.09 -15.01 6.15
N TYR A 383 0.58 -14.31 7.17
CA TYR A 383 1.96 -14.48 7.59
C TYR A 383 2.24 -15.90 8.07
N PHE A 384 1.26 -16.53 8.71
CA PHE A 384 1.47 -17.88 9.22
C PHE A 384 0.92 -18.96 8.31
N ALA A 385 0.29 -18.61 7.19
CA ALA A 385 -0.08 -19.60 6.19
C ALA A 385 1.20 -20.20 5.61
N ARG B 13 -32.19 7.95 -34.47
CA ARG B 13 -30.74 7.81 -34.41
C ARG B 13 -30.27 6.59 -35.21
N PRO B 14 -29.03 6.64 -35.68
CA PRO B 14 -28.45 5.47 -36.36
C PRO B 14 -28.04 4.39 -35.36
N ARG B 15 -27.80 3.20 -35.92
CA ARG B 15 -27.21 2.11 -35.19
C ARG B 15 -25.89 2.53 -34.54
N PHE B 16 -25.03 3.19 -35.32
CA PHE B 16 -23.72 3.56 -34.80
C PHE B 16 -23.14 4.64 -35.70
N SER B 17 -22.82 5.79 -35.12
CA SER B 17 -22.13 6.84 -35.86
C SER B 17 -21.22 7.58 -34.89
N PHE B 18 -19.93 7.53 -35.18
CA PHE B 18 -18.90 8.23 -34.42
C PHE B 18 -18.45 9.45 -35.22
N SER B 19 -18.57 10.62 -34.61
CA SER B 19 -18.16 11.87 -35.20
C SER B 19 -17.15 12.56 -34.29
N ILE B 20 -16.05 13.02 -34.87
CA ILE B 20 -15.03 13.74 -34.12
C ILE B 20 -15.28 15.22 -34.32
N ALA B 21 -15.53 15.94 -33.22
CA ALA B 21 -15.83 17.37 -33.30
C ALA B 21 -14.59 18.25 -33.15
N ALA B 22 -13.58 17.81 -32.41
CA ALA B 22 -12.39 18.62 -32.20
C ALA B 22 -11.22 17.71 -31.83
N ARG B 23 -10.01 18.20 -32.08
N ARG B 23 -10.02 18.20 -32.10
CA ARG B 23 -8.79 17.47 -31.84
CA ARG B 23 -8.77 17.49 -31.85
C ARG B 23 -7.71 18.40 -31.27
C ARG B 23 -7.75 18.41 -31.21
N GLU B 24 -6.83 17.83 -30.46
CA GLU B 24 -5.69 18.57 -29.93
C GLU B 24 -4.57 17.54 -29.80
N GLY B 25 -3.55 17.63 -30.65
CA GLY B 25 -2.56 16.56 -30.67
C GLY B 25 -3.22 15.26 -31.10
N LYS B 26 -2.95 14.18 -30.37
CA LYS B 26 -3.62 12.90 -30.62
C LYS B 26 -4.99 12.80 -29.94
N ALA B 27 -5.32 13.75 -29.08
CA ALA B 27 -6.57 13.73 -28.34
C ALA B 27 -7.73 14.13 -29.26
N ARG B 28 -8.88 13.48 -29.06
CA ARG B 28 -10.09 13.78 -29.81
C ARG B 28 -11.27 13.93 -28.87
N THR B 29 -12.25 14.73 -29.28
CA THR B 29 -13.52 14.73 -28.59
C THR B 29 -14.62 14.70 -29.63
N GLY B 30 -15.71 14.02 -29.28
CA GLY B 30 -16.83 13.88 -30.21
C GLY B 30 -17.97 13.12 -29.61
N THR B 31 -18.74 12.41 -30.44
CA THR B 31 -19.95 11.73 -30.01
C THR B 31 -20.10 10.42 -30.76
N ILE B 32 -20.59 9.41 -30.06
CA ILE B 32 -21.11 8.20 -30.67
C ILE B 32 -22.62 8.28 -30.58
N GLU B 33 -23.29 8.24 -31.71
CA GLU B 33 -24.75 8.14 -31.74
C GLU B 33 -25.16 6.68 -31.92
N MET B 34 -26.05 6.23 -31.05
CA MET B 34 -26.65 4.91 -31.11
C MET B 34 -28.16 5.03 -30.90
N LYS B 35 -28.87 3.94 -31.17
CA LYS B 35 -30.32 4.00 -31.06
C LYS B 35 -30.77 4.38 -29.65
N ARG B 36 -30.06 3.92 -28.61
CA ARG B 36 -30.50 4.20 -27.25
C ARG B 36 -29.94 5.51 -26.68
N GLY B 37 -29.10 6.22 -27.41
CA GLY B 37 -28.62 7.50 -26.93
C GLY B 37 -27.28 7.89 -27.50
N VAL B 38 -26.84 9.07 -27.08
CA VAL B 38 -25.59 9.67 -27.51
C VAL B 38 -24.56 9.46 -26.40
N ILE B 39 -23.35 9.09 -26.79
CA ILE B 39 -22.23 8.95 -25.88
C ILE B 39 -21.21 10.04 -26.20
N ARG B 40 -20.95 10.90 -25.22
CA ARG B 40 -19.94 11.95 -25.39
C ARG B 40 -18.55 11.38 -25.12
N THR B 41 -17.60 11.67 -26.01
CA THR B 41 -16.25 11.11 -25.86
C THR B 41 -15.22 12.24 -25.76
N PRO B 42 -14.15 12.06 -24.98
CA PRO B 42 -13.84 10.83 -24.24
C PRO B 42 -14.86 10.51 -23.15
N ALA B 43 -15.16 9.22 -23.00
CA ALA B 43 -16.24 8.72 -22.15
C ALA B 43 -15.68 7.85 -21.03
N PHE B 44 -16.25 8.00 -19.84
CA PHE B 44 -16.00 7.04 -18.78
C PHE B 44 -17.28 6.24 -18.55
N MET B 45 -17.13 4.93 -18.52
CA MET B 45 -18.24 4.01 -18.44
C MET B 45 -18.25 3.32 -17.08
N PRO B 46 -19.17 3.67 -16.17
CA PRO B 46 -19.18 3.00 -14.85
C PRO B 46 -19.48 1.52 -15.02
N VAL B 47 -18.79 0.71 -14.23
CA VAL B 47 -18.86 -0.75 -14.32
C VAL B 47 -19.87 -1.31 -13.33
N GLY B 48 -20.77 -2.14 -13.84
CA GLY B 48 -21.73 -2.81 -12.99
C GLY B 48 -21.15 -4.08 -12.38
N THR B 49 -21.64 -4.44 -11.20
CA THR B 49 -21.19 -5.67 -10.54
C THR B 49 -22.00 -6.85 -11.07
N ALA B 50 -23.29 -6.89 -10.74
CA ALA B 50 -24.19 -7.97 -11.12
C ALA B 50 -25.53 -7.31 -11.54
N ALA B 51 -25.52 -6.65 -12.69
CA ALA B 51 -26.69 -5.90 -13.17
C ALA B 51 -27.04 -4.78 -12.21
N THR B 52 -26.03 -4.22 -11.56
CA THR B 52 -26.18 -2.97 -10.81
C THR B 52 -24.83 -2.28 -10.78
N VAL B 53 -24.85 -0.95 -10.86
CA VAL B 53 -23.65 -0.17 -10.55
C VAL B 53 -23.69 -0.02 -9.05
N LYS B 54 -22.67 -0.55 -8.36
CA LYS B 54 -22.82 -0.90 -6.94
C LYS B 54 -23.26 0.31 -6.13
N ALA B 55 -24.37 0.14 -5.41
CA ALA B 55 -24.89 1.08 -4.43
C ALA B 55 -25.52 2.32 -5.05
N LEU B 56 -25.81 2.33 -6.36
CA LEU B 56 -26.42 3.47 -7.04
C LEU B 56 -27.65 3.03 -7.83
N LYS B 57 -28.76 3.76 -7.67
CA LYS B 57 -29.86 3.63 -8.62
C LYS B 57 -29.41 4.12 -10.00
N PRO B 58 -29.97 3.57 -11.08
CA PRO B 58 -29.60 4.08 -12.41
C PRO B 58 -29.83 5.58 -12.59
N GLU B 59 -30.91 6.13 -12.01
CA GLU B 59 -31.12 7.57 -12.10
C GLU B 59 -29.97 8.33 -11.47
N THR B 60 -29.36 7.78 -10.42
CA THR B 60 -28.21 8.44 -9.80
C THR B 60 -26.98 8.31 -10.68
N VAL B 61 -26.78 7.14 -11.29
CA VAL B 61 -25.70 6.99 -12.27
C VAL B 61 -25.83 8.05 -13.36
N ARG B 62 -27.06 8.22 -13.87
CA ARG B 62 -27.24 9.18 -14.95
C ARG B 62 -27.00 10.60 -14.47
N ALA B 63 -27.44 10.91 -13.25
CA ALA B 63 -27.30 12.27 -12.74
C ALA B 63 -25.84 12.66 -12.58
N THR B 64 -24.94 11.69 -12.41
CA THR B 64 -23.51 12.01 -12.35
C THR B 64 -22.94 12.39 -13.71
N GLY B 65 -23.67 12.12 -14.81
CA GLY B 65 -23.22 12.44 -16.15
C GLY B 65 -22.89 11.25 -17.02
N ALA B 66 -23.07 10.02 -16.56
CA ALA B 66 -22.73 8.87 -17.40
C ALA B 66 -23.73 8.72 -18.56
N ASP B 67 -23.18 8.42 -19.75
CA ASP B 67 -23.96 8.21 -20.97
C ASP B 67 -24.13 6.73 -21.32
N ILE B 68 -23.29 5.88 -20.74
CA ILE B 68 -23.27 4.46 -21.04
C ILE B 68 -22.68 3.79 -19.81
N ILE B 69 -23.10 2.56 -19.56
CA ILE B 69 -22.54 1.75 -18.48
C ILE B 69 -22.05 0.43 -19.03
N LEU B 70 -21.23 -0.24 -18.23
CA LEU B 70 -20.70 -1.55 -18.57
C LEU B 70 -21.50 -2.61 -17.84
N GLY B 71 -21.99 -3.59 -18.59
CA GLY B 71 -22.60 -4.76 -18.02
C GLY B 71 -21.57 -5.86 -17.85
N ASN B 72 -21.74 -6.64 -16.80
CA ASN B 72 -20.73 -7.62 -16.38
C ASN B 72 -21.15 -9.02 -16.85
N THR B 73 -20.77 -9.33 -18.10
CA THR B 73 -21.18 -10.58 -18.75
C THR B 73 -20.83 -11.82 -17.92
N TYR B 74 -19.58 -11.92 -17.48
CA TYR B 74 -19.18 -13.13 -16.77
C TYR B 74 -20.08 -13.37 -15.57
N HIS B 75 -20.30 -12.33 -14.76
CA HIS B 75 -21.19 -12.52 -13.62
C HIS B 75 -22.60 -12.87 -14.08
N LEU B 76 -23.08 -12.19 -15.12
CA LEU B 76 -24.48 -12.32 -15.48
C LEU B 76 -24.80 -13.68 -16.11
N MET B 77 -23.85 -14.28 -16.82
CA MET B 77 -24.14 -15.56 -17.44
C MET B 77 -24.26 -16.64 -16.37
N LEU B 78 -23.61 -16.46 -15.23
CA LEU B 78 -23.72 -17.37 -14.11
C LEU B 78 -24.90 -17.04 -13.20
N ARG B 79 -25.13 -15.76 -12.90
CA ARG B 79 -26.24 -15.37 -12.03
C ARG B 79 -26.73 -13.99 -12.49
N PRO B 80 -27.98 -13.86 -12.95
CA PRO B 80 -29.06 -14.84 -12.94
C PRO B 80 -29.11 -15.74 -14.16
N GLY B 81 -28.18 -15.60 -15.09
CA GLY B 81 -28.18 -16.33 -16.33
C GLY B 81 -28.64 -15.48 -17.49
N ALA B 82 -28.01 -15.65 -18.66
CA ALA B 82 -28.34 -14.81 -19.81
C ALA B 82 -29.72 -15.14 -20.36
N GLU B 83 -30.06 -16.42 -20.46
CA GLU B 83 -31.36 -16.78 -20.97
C GLU B 83 -32.47 -16.24 -20.08
N ARG B 84 -32.25 -16.24 -18.75
CA ARG B 84 -33.25 -15.72 -17.83
C ARG B 84 -33.44 -14.22 -18.01
N ILE B 85 -32.33 -13.47 -18.10
CA ILE B 85 -32.44 -12.04 -18.35
C ILE B 85 -33.17 -11.76 -19.65
N ALA B 86 -32.88 -12.53 -20.72
CA ALA B 86 -33.62 -12.33 -21.96
C ALA B 86 -35.11 -12.61 -21.77
N LYS B 87 -35.46 -13.69 -21.06
CA LYS B 87 -36.88 -13.97 -20.81
C LYS B 87 -37.53 -12.83 -20.04
N LEU B 88 -36.79 -12.16 -19.17
CA LEU B 88 -37.35 -11.05 -18.41
C LEU B 88 -37.33 -9.72 -19.16
N GLY B 89 -36.88 -9.71 -20.42
CA GLY B 89 -36.93 -8.53 -21.28
C GLY B 89 -35.61 -7.88 -21.57
N GLY B 90 -34.49 -8.49 -21.15
CA GLY B 90 -33.18 -7.95 -21.41
C GLY B 90 -32.65 -7.09 -20.28
N LEU B 91 -31.36 -6.80 -20.35
CA LEU B 91 -30.70 -6.15 -19.23
C LEU B 91 -31.22 -4.73 -19.00
N HIS B 92 -31.51 -3.98 -20.06
CA HIS B 92 -31.96 -2.61 -19.87
C HIS B 92 -33.21 -2.54 -19.01
N SER B 93 -34.22 -3.35 -19.37
CA SER B 93 -35.47 -3.41 -18.63
C SER B 93 -35.25 -3.95 -17.22
N PHE B 94 -34.45 -5.01 -17.11
CA PHE B 94 -34.20 -5.67 -15.84
C PHE B 94 -33.66 -4.69 -14.81
N MET B 95 -32.60 -3.97 -15.17
CA MET B 95 -31.94 -3.11 -14.20
C MET B 95 -32.42 -1.67 -14.25
N GLY B 96 -33.28 -1.33 -15.20
CA GLY B 96 -33.82 0.01 -15.31
C GLY B 96 -32.87 1.07 -15.86
N TRP B 97 -32.02 0.71 -16.83
CA TRP B 97 -31.12 1.65 -17.48
C TRP B 97 -31.49 1.59 -18.95
N ASP B 98 -32.00 2.70 -19.51
CA ASP B 98 -32.53 2.67 -20.86
C ASP B 98 -31.55 3.25 -21.89
N ARG B 99 -30.34 3.57 -21.48
CA ARG B 99 -29.31 4.13 -22.35
C ARG B 99 -28.37 3.03 -22.80
N PRO B 100 -27.33 3.34 -23.58
CA PRO B 100 -26.47 2.26 -24.08
C PRO B 100 -25.81 1.50 -22.96
N ILE B 101 -25.55 0.22 -23.22
CA ILE B 101 -24.79 -0.66 -22.35
C ILE B 101 -23.73 -1.32 -23.21
N LEU B 102 -22.49 -1.33 -22.71
CA LEU B 102 -21.41 -2.10 -23.31
C LEU B 102 -21.20 -3.33 -22.44
N THR B 103 -21.02 -4.49 -23.08
CA THR B 103 -20.71 -5.72 -22.38
C THR B 103 -19.35 -6.26 -22.82
N ASP B 104 -18.57 -6.73 -21.86
CA ASP B 104 -17.36 -7.45 -22.23
C ASP B 104 -17.73 -8.86 -22.67
N SER B 105 -16.77 -9.53 -23.29
CA SER B 105 -17.04 -10.82 -23.91
C SER B 105 -16.86 -11.99 -22.95
N GLY B 106 -16.27 -11.79 -21.77
CA GLY B 106 -16.32 -12.76 -20.69
C GLY B 106 -15.07 -13.59 -20.50
N GLY B 107 -14.22 -13.70 -21.51
CA GLY B 107 -13.07 -14.57 -21.39
C GLY B 107 -12.03 -14.02 -20.43
N TYR B 108 -11.79 -12.71 -20.48
CA TYR B 108 -10.87 -12.07 -19.54
C TYR B 108 -11.25 -12.42 -18.12
N GLN B 109 -12.52 -12.21 -17.78
CA GLN B 109 -13.00 -12.50 -16.44
C GLN B 109 -12.91 -14.01 -16.15
N VAL B 110 -13.25 -14.86 -17.12
CA VAL B 110 -13.15 -16.29 -16.85
C VAL B 110 -11.73 -16.64 -16.44
N MET B 111 -10.75 -16.08 -17.15
CA MET B 111 -9.36 -16.37 -16.82
C MET B 111 -8.93 -15.67 -15.53
N SER B 112 -9.58 -14.56 -15.15
CA SER B 112 -9.25 -13.89 -13.89
C SER B 112 -9.92 -14.55 -12.68
N LEU B 113 -11.14 -15.08 -12.84
CA LEU B 113 -11.97 -15.41 -11.69
C LEU B 113 -12.46 -16.84 -11.60
N SER B 114 -12.36 -17.63 -12.67
CA SER B 114 -12.95 -18.97 -12.68
C SER B 114 -12.04 -20.00 -12.00
N THR B 117 -10.15 -24.04 -15.29
CA THR B 117 -10.11 -23.44 -16.62
C THR B 117 -9.42 -24.38 -17.62
N LYS B 118 -10.04 -24.61 -18.78
CA LYS B 118 -9.40 -25.37 -19.87
C LYS B 118 -9.55 -24.58 -21.15
N GLN B 119 -8.43 -24.15 -21.73
CA GLN B 119 -8.44 -23.37 -22.95
C GLN B 119 -8.18 -24.25 -24.15
N SER B 120 -8.83 -23.92 -25.26
CA SER B 120 -8.59 -24.58 -26.53
C SER B 120 -8.95 -23.63 -27.64
N GLU B 121 -8.70 -24.05 -28.87
CA GLU B 121 -9.08 -23.21 -30.01
C GLU B 121 -10.59 -22.95 -30.05
N GLU B 122 -11.39 -23.85 -29.47
CA GLU B 122 -12.83 -23.69 -29.51
C GLU B 122 -13.28 -22.59 -28.56
N GLY B 123 -12.60 -22.45 -27.43
CA GLY B 123 -13.01 -21.48 -26.42
C GLY B 123 -12.43 -21.89 -25.06
N VAL B 124 -13.13 -21.51 -24.00
CA VAL B 124 -12.66 -21.83 -22.66
C VAL B 124 -13.77 -22.55 -21.92
N THR B 125 -13.40 -23.62 -21.24
CA THR B 125 -14.25 -24.31 -20.29
C THR B 125 -13.80 -23.93 -18.89
N PHE B 126 -14.76 -23.78 -17.98
CA PHE B 126 -14.44 -23.32 -16.63
C PHE B 126 -15.54 -23.74 -15.68
N LYS B 127 -15.18 -23.74 -14.39
CA LYS B 127 -16.10 -23.98 -13.29
C LYS B 127 -16.30 -22.67 -12.52
N SER B 128 -17.53 -22.43 -12.06
CA SER B 128 -17.86 -21.20 -11.31
C SER B 128 -17.29 -21.25 -9.89
N ARG B 134 -19.95 -26.52 -14.37
CA ARG B 134 -19.01 -26.33 -15.47
C ARG B 134 -19.70 -25.62 -16.64
N HIS B 135 -18.93 -24.78 -17.34
CA HIS B 135 -19.45 -23.98 -18.44
C HIS B 135 -18.43 -23.91 -19.57
N MET B 136 -18.95 -23.76 -20.79
CA MET B 136 -18.13 -23.46 -21.96
C MET B 136 -18.41 -22.02 -22.40
N LEU B 137 -17.36 -21.33 -22.84
CA LEU B 137 -17.47 -20.02 -23.48
C LEU B 137 -16.65 -20.07 -24.75
N SER B 138 -17.26 -19.69 -25.86
CA SER B 138 -16.62 -19.63 -27.18
C SER B 138 -16.92 -18.28 -27.79
N PRO B 139 -16.27 -17.93 -28.90
CA PRO B 139 -16.71 -16.72 -29.61
C PRO B 139 -18.21 -16.73 -29.89
N GLU B 140 -18.71 -17.86 -30.38
CA GLU B 140 -20.13 -17.91 -30.75
C GLU B 140 -21.02 -17.75 -29.52
N ARG B 141 -20.67 -18.42 -28.42
CA ARG B 141 -21.51 -18.37 -27.23
C ARG B 141 -21.43 -16.99 -26.57
N SER B 142 -20.25 -16.36 -26.58
CA SER B 142 -20.10 -15.02 -26.01
C SER B 142 -20.98 -14.04 -26.76
N ILE B 143 -20.92 -14.07 -28.09
CA ILE B 143 -21.75 -13.15 -28.85
C ILE B 143 -23.22 -13.41 -28.58
N GLU B 144 -23.60 -14.69 -28.44
CA GLU B 144 -24.99 -15.01 -28.16
C GLU B 144 -25.41 -14.53 -26.79
N ILE B 145 -24.55 -14.70 -25.78
CA ILE B 145 -24.87 -14.19 -24.44
C ILE B 145 -25.07 -12.68 -24.49
N GLN B 146 -24.18 -11.98 -25.18
CA GLN B 146 -24.29 -10.52 -25.22
C GLN B 146 -25.57 -10.12 -25.94
N HIS B 147 -26.01 -10.93 -26.91
CA HIS B 147 -27.29 -10.72 -27.56
C HIS B 147 -28.45 -10.93 -26.59
N LEU B 148 -28.40 -12.01 -25.84
CA LEU B 148 -29.46 -12.29 -24.88
C LEU B 148 -29.57 -11.19 -23.83
N LEU B 149 -28.44 -10.63 -23.40
CA LEU B 149 -28.44 -9.50 -22.47
C LEU B 149 -28.98 -8.23 -23.13
N GLY B 150 -28.85 -8.12 -24.45
CA GLY B 150 -29.34 -6.95 -25.16
C GLY B 150 -28.35 -5.82 -25.24
N SER B 151 -27.05 -6.11 -25.17
CA SER B 151 -26.15 -4.98 -25.09
C SER B 151 -26.08 -4.25 -26.42
N ASP B 152 -25.72 -2.99 -26.31
CA ASP B 152 -25.61 -2.10 -27.45
C ASP B 152 -24.23 -2.15 -28.06
N ILE B 153 -23.18 -2.25 -27.25
CA ILE B 153 -21.83 -2.41 -27.77
C ILE B 153 -21.33 -3.77 -27.29
N VAL B 154 -21.06 -4.63 -28.25
CA VAL B 154 -20.66 -6.00 -28.04
C VAL B 154 -19.16 -6.08 -28.25
N MET B 155 -18.46 -6.72 -27.33
CA MET B 155 -17.03 -6.94 -27.48
C MET B 155 -16.77 -8.30 -28.12
N ALA B 156 -15.83 -8.32 -29.05
CA ALA B 156 -15.33 -9.58 -29.58
C ALA B 156 -14.78 -10.44 -28.45
N PHE B 157 -14.84 -11.76 -28.65
CA PHE B 157 -14.31 -12.71 -27.69
C PHE B 157 -12.82 -12.88 -27.92
N ASP B 158 -12.00 -12.53 -26.93
CA ASP B 158 -10.56 -12.51 -27.08
C ASP B 158 -9.90 -13.28 -25.94
N GLU B 159 -8.59 -13.40 -26.07
CA GLU B 159 -7.72 -13.91 -25.02
C GLU B 159 -6.83 -12.76 -24.56
N CYS B 160 -6.96 -12.37 -23.29
CA CYS B 160 -6.12 -11.33 -22.71
C CYS B 160 -4.80 -11.98 -22.32
N THR B 161 -3.72 -11.62 -23.00
CA THR B 161 -2.45 -12.28 -22.74
C THR B 161 -1.88 -11.89 -21.39
N PRO B 162 -1.46 -12.84 -20.56
CA PRO B 162 -0.86 -12.48 -19.28
C PRO B 162 0.43 -11.70 -19.46
N TYR B 163 0.75 -10.90 -18.45
CA TYR B 163 1.94 -10.06 -18.43
C TYR B 163 2.84 -10.47 -17.28
N PRO B 164 4.16 -10.62 -17.51
CA PRO B 164 4.84 -10.53 -18.80
C PRO B 164 4.62 -11.77 -19.67
N ALA B 165 4.80 -11.58 -20.97
CA ALA B 165 4.67 -12.64 -21.95
C ALA B 165 5.91 -12.64 -22.84
N THR B 166 6.36 -13.82 -23.23
CA THR B 166 7.43 -13.89 -24.18
C THR B 166 6.89 -13.52 -25.56
N PRO B 167 7.77 -13.09 -26.48
CA PRO B 167 7.29 -12.81 -27.84
C PRO B 167 6.56 -13.98 -28.44
N SER B 168 7.07 -15.21 -28.27
CA SER B 168 6.39 -16.35 -28.85
C SER B 168 5.01 -16.55 -28.25
N ARG B 169 4.88 -16.45 -26.93
CA ARG B 169 3.59 -16.69 -26.30
C ARG B 169 2.62 -15.57 -26.64
N ALA B 170 3.12 -14.33 -26.67
CA ALA B 170 2.28 -13.19 -27.01
C ALA B 170 1.77 -13.33 -28.44
N ALA B 171 2.62 -13.79 -29.35
CA ALA B 171 2.20 -13.92 -30.73
C ALA B 171 1.17 -15.04 -30.89
N SER B 172 1.40 -16.19 -30.27
CA SER B 172 0.43 -17.29 -30.37
C SER B 172 -0.92 -16.86 -29.82
N SER B 173 -0.94 -16.19 -28.67
N SER B 173 -0.92 -16.19 -28.68
CA SER B 173 -2.22 -15.77 -28.10
CA SER B 173 -2.16 -15.72 -28.07
C SER B 173 -2.91 -14.72 -28.98
C SER B 173 -2.87 -14.73 -28.97
N MET B 174 -2.14 -13.73 -29.46
CA MET B 174 -2.72 -12.72 -30.35
C MET B 174 -3.31 -13.35 -31.59
N GLU B 175 -2.63 -14.34 -32.16
CA GLU B 175 -3.13 -14.97 -33.38
C GLU B 175 -4.46 -15.69 -33.12
N ARG B 176 -4.54 -16.37 -31.98
CA ARG B 176 -5.80 -17.00 -31.61
C ARG B 176 -6.88 -15.95 -31.42
N SER B 177 -6.55 -14.85 -30.73
CA SER B 177 -7.53 -13.78 -30.58
C SER B 177 -8.02 -13.26 -31.93
N MET B 178 -7.12 -13.16 -32.93
CA MET B 178 -7.57 -12.65 -34.23
C MET B 178 -8.45 -13.65 -34.94
N ARG B 179 -8.15 -14.95 -34.82
CA ARG B 179 -9.08 -15.95 -35.34
C ARG B 179 -10.42 -15.85 -34.65
N TRP B 180 -10.40 -15.69 -33.32
CA TRP B 180 -11.62 -15.51 -32.55
C TRP B 180 -12.34 -14.23 -32.89
N ALA B 181 -11.62 -13.19 -33.28
CA ALA B 181 -12.29 -11.94 -33.67
C ALA B 181 -13.09 -12.14 -34.96
N LYS B 182 -12.55 -12.90 -35.90
CA LYS B 182 -13.29 -13.19 -37.12
C LYS B 182 -14.53 -14.02 -36.81
N ARG B 183 -14.38 -15.01 -35.93
CA ARG B 183 -15.53 -15.79 -35.52
C ARG B 183 -16.56 -14.93 -34.81
N SER B 184 -16.11 -13.95 -34.02
CA SER B 184 -17.04 -13.05 -33.33
C SER B 184 -17.82 -12.22 -34.34
N ARG B 185 -17.10 -11.64 -35.31
CA ARG B 185 -17.70 -10.88 -36.39
C ARG B 185 -18.77 -11.69 -37.11
N ASP B 186 -18.45 -12.93 -37.45
CA ASP B 186 -19.40 -13.73 -38.22
C ASP B 186 -20.62 -14.10 -37.38
N ALA B 187 -20.42 -14.43 -36.10
CA ALA B 187 -21.55 -14.72 -35.23
C ALA B 187 -22.46 -13.52 -35.08
N PHE B 188 -21.88 -12.34 -34.86
CA PHE B 188 -22.63 -11.09 -34.72
C PHE B 188 -23.44 -10.82 -35.99
N ASP B 189 -22.81 -10.97 -37.17
CA ASP B 189 -23.47 -10.71 -38.44
C ASP B 189 -24.55 -11.71 -38.77
N SER B 190 -24.49 -12.92 -38.23
N SER B 190 -24.47 -12.92 -38.20
CA SER B 190 -25.49 -13.94 -38.51
CA SER B 190 -25.45 -13.98 -38.43
C SER B 190 -26.77 -13.75 -37.72
C SER B 190 -26.79 -13.67 -37.79
N ARG B 191 -26.80 -12.81 -36.78
CA ARG B 191 -27.98 -12.56 -35.99
C ARG B 191 -28.55 -11.21 -36.41
N LYS B 192 -29.61 -11.24 -37.21
CA LYS B 192 -30.10 -10.02 -37.87
C LYS B 192 -30.43 -8.91 -36.86
N GLU B 193 -31.16 -9.26 -35.80
CA GLU B 193 -31.56 -8.23 -34.83
C GLU B 193 -30.35 -7.59 -34.16
N GLN B 194 -29.31 -8.38 -33.91
CA GLN B 194 -28.10 -7.84 -33.29
C GLN B 194 -27.34 -6.98 -34.28
N ALA B 195 -27.11 -7.50 -35.48
CA ALA B 195 -26.36 -6.75 -36.48
C ALA B 195 -27.04 -5.43 -36.81
N GLU B 196 -28.37 -5.37 -36.73
CA GLU B 196 -29.08 -4.15 -37.10
C GLU B 196 -29.19 -3.11 -35.99
N ASN B 197 -29.02 -3.52 -34.72
CA ASN B 197 -29.28 -2.66 -33.57
C ASN B 197 -28.10 -2.45 -32.65
N ALA B 198 -27.10 -3.30 -32.71
CA ALA B 198 -25.92 -3.23 -31.85
C ALA B 198 -24.69 -2.91 -32.69
N ALA B 199 -23.60 -2.65 -31.99
CA ALA B 199 -22.30 -2.45 -32.61
C ALA B 199 -21.32 -3.48 -32.05
N LEU B 200 -20.26 -3.75 -32.81
CA LEU B 200 -19.25 -4.75 -32.45
C LEU B 200 -17.87 -4.11 -32.46
N PHE B 201 -17.14 -4.26 -31.35
CA PHE B 201 -15.78 -3.75 -31.22
C PHE B 201 -14.80 -4.92 -31.30
N GLY B 202 -13.72 -4.74 -32.03
CA GLY B 202 -12.62 -5.69 -31.98
C GLY B 202 -11.58 -5.27 -30.95
N ILE B 203 -10.80 -6.24 -30.46
CA ILE B 203 -9.85 -5.99 -29.40
C ILE B 203 -8.44 -6.32 -29.89
N GLN B 204 -7.58 -5.30 -29.90
CA GLN B 204 -6.17 -5.48 -30.24
C GLN B 204 -5.41 -6.16 -29.10
N GLN B 205 -4.56 -7.12 -29.46
CA GLN B 205 -3.67 -7.77 -28.50
C GLN B 205 -2.24 -7.64 -28.99
N GLY B 206 -1.30 -8.43 -28.43
CA GLY B 206 0.10 -8.34 -28.82
C GLY B 206 1.02 -7.93 -27.68
N SER B 207 0.49 -7.89 -26.46
CA SER B 207 1.29 -7.61 -25.25
C SER B 207 1.99 -6.26 -25.43
N VAL B 208 3.27 -6.14 -25.12
CA VAL B 208 3.99 -4.88 -25.21
C VAL B 208 4.80 -4.78 -26.51
N PHE B 209 4.52 -5.63 -27.50
CA PHE B 209 5.39 -5.79 -28.67
C PHE B 209 4.80 -5.08 -29.89
N GLU B 210 5.56 -4.12 -30.40
CA GLU B 210 5.09 -3.25 -31.48
C GLU B 210 4.68 -4.07 -32.69
N ASN B 211 5.52 -5.03 -33.11
CA ASN B 211 5.20 -5.76 -34.34
C ASN B 211 3.92 -6.57 -34.17
N LEU B 212 3.71 -7.15 -33.00
CA LEU B 212 2.49 -7.91 -32.79
C LEU B 212 1.27 -7.02 -32.72
N ARG B 213 1.39 -5.85 -32.06
CA ARG B 213 0.30 -4.88 -32.03
C ARG B 213 -0.08 -4.46 -33.45
N GLN B 214 0.93 -4.29 -34.31
CA GLN B 214 0.67 -3.91 -35.70
C GLN B 214 -0.05 -5.04 -36.42
N GLN B 215 0.43 -6.28 -36.26
CA GLN B 215 -0.26 -7.39 -36.91
C GLN B 215 -1.69 -7.50 -36.43
N SER B 216 -1.90 -7.28 -35.13
CA SER B 216 -3.24 -7.38 -34.57
C SER B 216 -4.14 -6.27 -35.12
N ALA B 217 -3.65 -5.04 -35.13
CA ALA B 217 -4.43 -3.95 -35.72
C ALA B 217 -4.79 -4.22 -37.17
N ASP B 218 -3.84 -4.71 -37.96
CA ASP B 218 -4.09 -4.97 -39.38
C ASP B 218 -5.16 -6.05 -39.56
N ALA B 219 -5.08 -7.11 -38.75
CA ALA B 219 -6.07 -8.17 -38.81
C ALA B 219 -7.45 -7.66 -38.46
N LEU B 220 -7.54 -6.83 -37.41
CA LEU B 220 -8.85 -6.32 -37.00
C LEU B 220 -9.43 -5.41 -38.06
N ALA B 221 -8.61 -4.55 -38.65
CA ALA B 221 -9.14 -3.62 -39.65
C ALA B 221 -9.55 -4.35 -40.92
N GLU B 222 -8.89 -5.46 -41.26
CA GLU B 222 -9.29 -6.23 -42.43
C GLU B 222 -10.64 -6.91 -42.21
N ILE B 223 -10.89 -7.36 -40.99
CA ILE B 223 -12.20 -7.89 -40.64
C ILE B 223 -13.23 -6.76 -40.64
N GLY B 224 -12.87 -5.65 -40.01
CA GLY B 224 -13.75 -4.49 -39.95
C GLY B 224 -14.65 -4.52 -38.72
N PHE B 225 -14.53 -3.49 -37.89
CA PHE B 225 -15.35 -3.34 -36.69
C PHE B 225 -15.87 -1.91 -36.57
N ASP B 226 -16.84 -1.74 -35.68
CA ASP B 226 -17.40 -0.43 -35.41
C ASP B 226 -16.52 0.41 -34.50
N GLY B 227 -15.72 -0.23 -33.66
CA GLY B 227 -14.74 0.44 -32.82
C GLY B 227 -13.65 -0.56 -32.49
N TYR B 228 -12.58 -0.05 -31.91
CA TYR B 228 -11.38 -0.84 -31.65
C TYR B 228 -10.91 -0.60 -30.22
N ALA B 229 -10.76 -1.68 -29.48
CA ALA B 229 -10.27 -1.65 -28.13
C ALA B 229 -8.79 -2.00 -28.10
N VAL B 230 -8.07 -1.36 -27.20
CA VAL B 230 -6.69 -1.75 -26.88
C VAL B 230 -6.80 -2.69 -25.69
N GLY B 231 -6.63 -3.98 -25.95
CA GLY B 231 -6.67 -4.98 -24.91
C GLY B 231 -5.28 -5.27 -24.40
N GLY B 232 -5.24 -6.11 -23.37
CA GLY B 232 -3.97 -6.62 -22.87
C GLY B 232 -3.17 -5.65 -22.04
N LEU B 233 -3.74 -4.53 -21.64
CA LEU B 233 -3.05 -3.59 -20.76
C LEU B 233 -3.80 -3.50 -19.42
N ALA B 234 -3.23 -2.73 -18.50
CA ALA B 234 -3.75 -2.66 -17.15
C ALA B 234 -3.77 -4.05 -16.54
N VAL B 235 -2.71 -4.82 -16.80
CA VAL B 235 -2.58 -6.18 -16.28
C VAL B 235 -1.27 -6.33 -15.53
N GLY B 236 -0.76 -5.23 -14.98
CA GLY B 236 0.40 -5.27 -14.13
C GLY B 236 1.64 -4.59 -14.68
N GLU B 237 1.57 -3.98 -15.86
CA GLU B 237 2.78 -3.48 -16.49
C GLU B 237 3.20 -2.11 -15.96
N GLY B 238 2.33 -1.37 -15.31
CA GLY B 238 2.68 -0.05 -14.85
C GLY B 238 2.44 1.03 -15.90
N GLN B 239 2.32 2.27 -15.42
CA GLN B 239 1.86 3.35 -16.29
C GLN B 239 2.89 3.70 -17.36
N ASP B 240 4.18 3.73 -17.01
CA ASP B 240 5.19 4.10 -18.00
C ASP B 240 5.17 3.14 -19.17
N GLU B 241 5.11 1.83 -18.89
CA GLU B 241 5.06 0.85 -19.95
C GLU B 241 3.72 0.90 -20.71
N MET B 242 2.62 1.07 -19.98
CA MET B 242 1.34 1.20 -20.66
C MET B 242 1.35 2.37 -21.65
N PHE B 243 1.84 3.54 -21.21
CA PHE B 243 1.90 4.70 -22.10
C PHE B 243 2.85 4.45 -23.27
N ARG B 244 3.98 3.76 -23.00
CA ARG B 244 4.91 3.44 -24.09
C ARG B 244 4.20 2.61 -25.16
N VAL B 245 3.41 1.62 -24.74
CA VAL B 245 2.66 0.77 -25.66
C VAL B 245 1.55 1.55 -26.36
N LEU B 246 0.84 2.42 -25.63
CA LEU B 246 -0.18 3.23 -26.28
C LEU B 246 0.42 4.14 -27.35
N ASP B 247 1.62 4.69 -27.06
CA ASP B 247 2.27 5.62 -27.99
C ASP B 247 2.35 5.06 -29.41
N PHE B 248 2.72 3.79 -29.57
CA PHE B 248 2.77 3.22 -30.89
C PHE B 248 1.51 2.42 -31.26
N SER B 249 0.72 1.98 -30.27
CA SER B 249 -0.40 1.10 -30.60
C SER B 249 -1.63 1.87 -31.10
N VAL B 250 -1.95 3.01 -30.50
CA VAL B 250 -3.21 3.66 -30.85
C VAL B 250 -3.15 4.16 -32.30
N PRO B 251 -2.03 4.70 -32.79
CA PRO B 251 -1.98 5.14 -34.19
C PRO B 251 -2.19 4.03 -35.19
N MET B 252 -2.03 2.76 -34.79
CA MET B 252 -2.26 1.64 -35.69
C MET B 252 -3.74 1.39 -35.95
N LEU B 253 -4.61 1.85 -35.07
CA LEU B 253 -6.04 1.63 -35.22
C LEU B 253 -6.63 2.64 -36.20
N PRO B 254 -7.75 2.32 -36.83
CA PRO B 254 -8.41 3.32 -37.69
C PRO B 254 -8.71 4.60 -36.94
N ASP B 255 -8.31 5.72 -37.54
CA ASP B 255 -8.47 7.02 -36.88
C ASP B 255 -9.94 7.40 -36.74
N ASP B 256 -10.79 7.02 -37.70
CA ASP B 256 -12.18 7.47 -37.75
C ASP B 256 -13.12 6.62 -36.92
N LYS B 257 -12.59 5.74 -36.09
CA LYS B 257 -13.43 4.90 -35.23
C LYS B 257 -13.01 5.07 -33.79
N PRO B 258 -13.92 4.80 -32.84
CA PRO B 258 -13.58 4.97 -31.42
C PRO B 258 -12.51 4.02 -30.97
N HIS B 259 -11.73 4.46 -29.99
CA HIS B 259 -10.64 3.70 -29.39
C HIS B 259 -10.92 3.52 -27.89
N TYR B 260 -11.01 2.27 -27.46
CA TYR B 260 -11.42 1.94 -26.09
C TYR B 260 -10.27 1.27 -25.38
N LEU B 261 -9.78 1.88 -24.30
CA LEU B 261 -8.70 1.29 -23.49
C LEU B 261 -9.33 0.53 -22.33
N MET B 262 -9.29 -0.81 -22.40
CA MET B 262 -10.02 -1.65 -21.46
C MET B 262 -9.34 -1.71 -20.09
N GLY B 263 -10.11 -1.43 -19.03
CA GLY B 263 -9.60 -1.58 -17.67
C GLY B 263 -8.95 -0.34 -17.08
N VAL B 264 -8.89 0.76 -17.81
CA VAL B 264 -8.19 1.98 -17.39
C VAL B 264 -9.21 3.05 -17.11
N GLY B 265 -9.12 3.71 -15.94
CA GLY B 265 -8.10 3.49 -14.92
C GLY B 265 -8.14 4.63 -13.91
N LYS B 266 -7.00 4.86 -13.24
CA LYS B 266 -6.87 6.00 -12.35
C LYS B 266 -6.97 7.31 -13.14
N PRO B 267 -7.33 8.42 -12.47
CA PRO B 267 -7.48 9.69 -13.19
C PRO B 267 -6.28 10.09 -14.02
N ASP B 268 -5.05 9.93 -13.50
N ASP B 268 -5.05 9.96 -13.50
CA ASP B 268 -3.87 10.28 -14.29
CA ASP B 268 -3.87 10.27 -14.30
C ASP B 268 -3.66 9.33 -15.46
C ASP B 268 -3.76 9.35 -15.51
N ASP B 269 -4.10 8.08 -15.35
CA ASP B 269 -4.00 7.16 -16.47
C ASP B 269 -4.92 7.60 -17.59
N ILE B 270 -6.13 8.01 -17.22
CA ILE B 270 -7.12 8.46 -18.21
C ILE B 270 -6.61 9.69 -18.94
N VAL B 271 -6.11 10.68 -18.20
CA VAL B 271 -5.62 11.90 -18.85
C VAL B 271 -4.50 11.56 -19.83
N GLY B 272 -3.54 10.74 -19.41
CA GLY B 272 -2.45 10.40 -20.31
C GLY B 272 -2.88 9.57 -21.50
N ALA B 273 -3.86 8.67 -21.28
CA ALA B 273 -4.40 7.88 -22.37
C ALA B 273 -5.15 8.73 -23.40
N VAL B 274 -5.90 9.74 -22.95
CA VAL B 274 -6.56 10.66 -23.88
C VAL B 274 -5.51 11.42 -24.71
N GLU B 275 -4.40 11.83 -24.06
CA GLU B 275 -3.30 12.46 -24.75
C GLU B 275 -2.74 11.58 -25.84
N ARG B 276 -3.01 10.29 -25.76
CA ARG B 276 -2.50 9.31 -26.69
C ARG B 276 -3.57 8.75 -27.62
N GLY B 277 -4.76 9.34 -27.61
CA GLY B 277 -5.78 9.02 -28.59
C GLY B 277 -6.87 8.06 -28.18
N ILE B 278 -7.03 7.78 -26.89
CA ILE B 278 -8.11 6.93 -26.40
C ILE B 278 -9.38 7.74 -26.18
N ASP B 279 -10.53 7.13 -26.51
CA ASP B 279 -11.85 7.75 -26.47
C ASP B 279 -12.78 7.19 -25.41
N MET B 280 -12.53 5.99 -24.90
CA MET B 280 -13.45 5.31 -24.00
C MET B 280 -12.66 4.58 -22.93
N PHE B 281 -13.23 4.55 -21.73
CA PHE B 281 -12.62 4.07 -20.52
C PHE B 281 -13.65 3.36 -19.64
N ASP B 282 -13.19 2.37 -18.90
CA ASP B 282 -13.94 1.71 -17.84
C ASP B 282 -12.95 1.33 -16.76
N CYS B 283 -13.43 1.27 -15.52
N CYS B 283 -13.40 1.32 -15.51
CA CYS B 283 -12.58 0.83 -14.41
CA CYS B 283 -12.61 0.68 -14.47
C CYS B 283 -13.46 0.65 -13.18
C CYS B 283 -13.45 0.61 -13.21
N VAL B 284 -13.10 -0.33 -12.34
CA VAL B 284 -13.85 -0.53 -11.11
C VAL B 284 -13.40 0.40 -9.98
N LEU B 285 -12.29 1.10 -10.15
CA LEU B 285 -11.76 1.93 -9.07
C LEU B 285 -12.81 2.82 -8.40
N PRO B 286 -13.53 3.67 -9.14
CA PRO B 286 -14.43 4.60 -8.43
C PRO B 286 -15.43 3.90 -7.53
N THR B 287 -16.01 2.79 -7.99
CA THR B 287 -16.93 2.02 -7.16
C THR B 287 -16.19 1.28 -6.05
N ARG B 288 -15.26 0.40 -6.43
CA ARG B 288 -14.52 -0.36 -5.43
C ARG B 288 -13.81 0.56 -4.43
N SER B 289 -13.11 1.59 -4.91
CA SER B 289 -12.45 2.54 -4.01
C SER B 289 -13.42 3.13 -3.02
N GLY B 290 -14.62 3.50 -3.49
CA GLY B 290 -15.57 4.19 -2.63
C GLY B 290 -16.01 3.36 -1.45
N ARG B 291 -16.20 2.06 -1.66
CA ARG B 291 -16.63 1.20 -0.56
C ARG B 291 -15.53 1.00 0.47
N ASN B 292 -14.27 1.07 0.04
CA ASN B 292 -13.13 0.90 0.93
C ASN B 292 -12.67 2.20 1.58
N GLY B 293 -13.30 3.33 1.26
CA GLY B 293 -13.02 4.59 1.92
C GLY B 293 -12.21 5.58 1.11
N GLN B 294 -11.86 5.26 -0.13
CA GLN B 294 -11.04 6.17 -0.93
C GLN B 294 -11.95 7.08 -1.74
N ALA B 295 -11.76 8.38 -1.59
CA ALA B 295 -12.49 9.38 -2.34
C ALA B 295 -11.52 10.14 -3.23
N PHE B 296 -11.92 10.37 -4.46
CA PHE B 296 -11.12 11.12 -5.41
C PHE B 296 -11.42 12.60 -5.26
N THR B 297 -10.36 13.41 -5.29
CA THR B 297 -10.48 14.86 -5.24
C THR B 297 -9.47 15.44 -6.22
N TRP B 298 -9.65 16.71 -6.56
CA TRP B 298 -8.70 17.37 -7.45
C TRP B 298 -7.33 17.51 -6.82
N ASP B 299 -7.22 17.36 -5.49
CA ASP B 299 -5.93 17.38 -4.81
C ASP B 299 -5.43 15.97 -4.52
N GLY B 300 -5.93 14.98 -5.25
CA GLY B 300 -5.51 13.60 -5.07
C GLY B 300 -6.53 12.83 -4.26
N PRO B 301 -6.37 11.51 -4.20
CA PRO B 301 -7.29 10.72 -3.38
C PRO B 301 -7.03 10.90 -1.90
N ILE B 302 -8.10 10.72 -1.13
CA ILE B 302 -8.02 10.74 0.32
C ILE B 302 -8.67 9.47 0.85
N ASN B 303 -8.22 8.99 2.01
CA ASN B 303 -8.95 7.90 2.66
C ASN B 303 -9.77 8.49 3.80
N ILE B 304 -11.09 8.51 3.59
CA ILE B 304 -12.01 9.21 4.47
C ILE B 304 -12.04 8.58 5.86
N ARG B 305 -11.56 7.35 6.01
N ARG B 305 -11.56 7.34 6.00
CA ARG B 305 -11.53 6.75 7.33
CA ARG B 305 -11.48 6.70 7.30
C ARG B 305 -10.43 7.33 8.22
C ARG B 305 -10.46 7.35 8.22
N ASN B 306 -9.46 8.04 7.65
CA ASN B 306 -8.40 8.60 8.46
C ASN B 306 -8.94 9.58 9.50
N ALA B 307 -8.36 9.51 10.70
CA ALA B 307 -8.87 10.29 11.83
C ALA B 307 -8.84 11.78 11.57
N ARG B 308 -8.02 12.25 10.64
CA ARG B 308 -7.95 13.69 10.36
C ARG B 308 -9.26 14.23 9.81
N PHE B 309 -10.18 13.37 9.38
CA PHE B 309 -11.46 13.79 8.83
C PHE B 309 -12.61 13.73 9.82
N SER B 310 -12.37 13.29 11.06
CA SER B 310 -13.48 13.01 11.97
C SER B 310 -14.29 14.25 12.34
N GLU B 311 -13.71 15.45 12.26
CA GLU B 311 -14.42 16.68 12.61
C GLU B 311 -14.33 17.70 11.47
N ASP B 312 -14.07 17.21 10.26
CA ASP B 312 -13.87 18.04 9.07
C ASP B 312 -15.23 18.30 8.41
N LEU B 313 -15.70 19.54 8.51
CA LEU B 313 -17.02 19.86 8.00
C LEU B 313 -17.03 20.19 6.52
N LYS B 314 -15.88 20.19 5.85
CA LYS B 314 -15.86 20.41 4.42
C LYS B 314 -16.42 19.21 3.66
N PRO B 315 -16.95 19.42 2.46
CA PRO B 315 -17.31 18.30 1.60
C PRO B 315 -16.08 17.51 1.14
N LEU B 316 -16.35 16.36 0.53
CA LEU B 316 -15.25 15.51 0.08
C LEU B 316 -14.24 16.28 -0.77
N ASP B 317 -14.75 17.08 -1.72
CA ASP B 317 -13.92 17.93 -2.55
C ASP B 317 -14.55 19.31 -2.65
N SER B 318 -13.68 20.34 -2.58
CA SER B 318 -14.14 21.71 -2.44
C SER B 318 -14.84 22.25 -3.69
N GLU B 319 -14.55 21.67 -4.86
CA GLU B 319 -15.11 22.14 -6.12
C GLU B 319 -16.20 21.24 -6.67
N CYS B 320 -16.29 20.01 -6.20
CA CYS B 320 -17.19 19.03 -6.79
C CYS B 320 -18.64 19.52 -6.76
N HIS B 321 -19.32 19.34 -7.89
CA HIS B 321 -20.70 19.75 -8.03
C HIS B 321 -21.69 18.65 -7.63
N CYS B 322 -21.22 17.51 -7.16
CA CYS B 322 -22.13 16.38 -6.95
C CYS B 322 -23.03 16.60 -5.75
N ALA B 323 -24.11 15.84 -5.71
CA ALA B 323 -25.12 16.00 -4.68
C ALA B 323 -24.56 15.70 -3.29
N VAL B 324 -23.61 14.77 -3.20
CA VAL B 324 -23.00 14.45 -1.92
C VAL B 324 -22.25 15.65 -1.37
N CYS B 325 -21.45 16.30 -2.23
CA CYS B 325 -20.66 17.44 -1.79
C CYS B 325 -21.53 18.67 -1.55
N GLN B 326 -22.74 18.70 -2.09
CA GLN B 326 -23.64 19.79 -1.77
C GLN B 326 -24.20 19.65 -0.37
N LYS B 327 -24.31 18.43 0.15
CA LYS B 327 -25.13 18.16 1.34
C LYS B 327 -24.40 17.61 2.55
N TRP B 328 -23.34 16.82 2.40
CA TRP B 328 -22.76 16.13 3.55
C TRP B 328 -21.28 16.42 3.70
N SER B 329 -20.83 16.34 4.94
CA SER B 329 -19.46 16.63 5.27
C SER B 329 -18.58 15.38 5.22
N ARG B 330 -17.29 15.63 5.08
CA ARG B 330 -16.29 14.59 5.33
C ARG B 330 -16.52 13.90 6.66
N ALA B 331 -16.80 14.68 7.70
CA ALA B 331 -16.97 14.08 9.02
C ALA B 331 -18.10 13.07 9.02
N TYR B 332 -19.21 13.40 8.38
CA TYR B 332 -20.34 12.49 8.39
C TYR B 332 -19.99 11.23 7.63
N ILE B 333 -19.36 11.38 6.46
CA ILE B 333 -19.04 10.21 5.64
C ILE B 333 -17.98 9.36 6.32
N HIS B 334 -17.01 10.01 6.98
CA HIS B 334 -16.04 9.33 7.83
C HIS B 334 -16.75 8.45 8.83
N HIS B 335 -17.72 9.02 9.54
CA HIS B 335 -18.47 8.25 10.52
C HIS B 335 -19.18 7.06 9.89
N LEU B 336 -19.86 7.28 8.76
CA LEU B 336 -20.63 6.22 8.13
C LEU B 336 -19.72 5.07 7.69
N ILE B 337 -18.60 5.38 7.04
CA ILE B 337 -17.71 4.32 6.57
C ILE B 337 -17.10 3.59 7.76
N ARG B 338 -16.70 4.33 8.79
CA ARG B 338 -16.15 3.68 9.98
C ARG B 338 -17.17 2.75 10.63
N ALA B 339 -18.45 3.12 10.57
CA ALA B 339 -19.51 2.31 11.17
C ALA B 339 -20.00 1.19 10.26
N GLY B 340 -19.49 1.09 9.05
CA GLY B 340 -19.95 0.05 8.14
C GLY B 340 -21.33 0.28 7.57
N GLU B 341 -21.82 1.51 7.58
CA GLU B 341 -23.16 1.81 7.11
C GLU B 341 -23.28 1.83 5.59
N ILE B 342 -24.38 1.27 5.09
CA ILE B 342 -24.61 1.26 3.64
C ILE B 342 -24.61 2.68 3.07
N LEU B 343 -25.19 3.64 3.79
CA LEU B 343 -25.23 5.00 3.27
C LEU B 343 -23.82 5.51 2.97
N GLY B 344 -22.83 5.09 3.76
CA GLY B 344 -21.48 5.53 3.48
C GLY B 344 -20.99 5.06 2.12
N ALA B 345 -21.26 3.78 1.80
CA ALA B 345 -20.90 3.26 0.49
C ALA B 345 -21.67 3.99 -0.62
N MET B 346 -22.95 4.26 -0.40
CA MET B 346 -23.75 4.97 -1.40
C MET B 346 -23.16 6.35 -1.69
N LEU B 347 -22.82 7.09 -0.63
CA LEU B 347 -22.39 8.47 -0.85
C LEU B 347 -20.99 8.51 -1.43
N MET B 348 -20.08 7.65 -0.94
CA MET B 348 -18.74 7.60 -1.52
C MET B 348 -18.80 7.22 -3.01
N THR B 349 -19.62 6.23 -3.36
CA THR B 349 -19.69 5.79 -4.75
C THR B 349 -20.25 6.88 -5.64
N GLU B 350 -21.33 7.54 -5.20
CA GLU B 350 -21.89 8.62 -5.98
C GLU B 350 -20.87 9.71 -6.21
N HIS B 351 -20.15 10.11 -5.15
CA HIS B 351 -19.16 11.17 -5.34
C HIS B 351 -18.08 10.73 -6.31
N ASN B 352 -17.56 9.50 -6.15
CA ASN B 352 -16.46 9.05 -7.00
C ASN B 352 -16.86 8.95 -8.47
N ILE B 353 -18.04 8.40 -8.76
CA ILE B 353 -18.54 8.34 -10.14
C ILE B 353 -18.73 9.76 -10.68
N ALA B 354 -19.28 10.65 -9.86
CA ALA B 354 -19.46 12.03 -10.28
C ALA B 354 -18.12 12.71 -10.55
N PHE B 355 -17.11 12.44 -9.72
CA PHE B 355 -15.80 13.01 -9.96
C PHE B 355 -15.24 12.56 -11.30
N TYR B 356 -15.32 11.25 -11.58
CA TYR B 356 -14.84 10.73 -12.86
C TYR B 356 -15.57 11.41 -14.01
N GLN B 357 -16.89 11.60 -13.87
CA GLN B 357 -17.63 12.24 -14.96
C GLN B 357 -17.25 13.71 -15.11
N GLN B 358 -17.00 14.41 -14.00
CA GLN B 358 -16.52 15.79 -14.09
C GLN B 358 -15.14 15.86 -14.73
N LEU B 359 -14.28 14.88 -14.42
CA LEU B 359 -13.01 14.79 -15.12
C LEU B 359 -13.23 14.65 -16.62
N MET B 360 -14.11 13.75 -17.04
CA MET B 360 -14.31 13.55 -18.47
C MET B 360 -14.88 14.81 -19.10
N GLN B 361 -15.79 15.50 -18.40
CA GLN B 361 -16.36 16.72 -18.95
C GLN B 361 -15.28 17.79 -19.12
N LYS B 362 -14.39 17.92 -18.14
CA LYS B 362 -13.29 18.86 -18.26
C LYS B 362 -12.36 18.49 -19.41
N ILE B 363 -12.11 17.20 -19.61
CA ILE B 363 -11.31 16.77 -20.74
C ILE B 363 -11.98 17.17 -22.06
N ARG B 364 -13.26 16.82 -22.20
CA ARG B 364 -13.97 17.11 -23.44
C ARG B 364 -14.00 18.61 -23.72
N ASP B 365 -14.32 19.42 -22.72
CA ASP B 365 -14.37 20.85 -22.93
C ASP B 365 -13.01 21.39 -23.31
N SER B 366 -11.95 20.91 -22.64
CA SER B 366 -10.65 21.49 -22.91
C SER B 366 -10.13 21.10 -24.29
N ILE B 367 -10.41 19.88 -24.75
CA ILE B 367 -10.04 19.53 -26.12
C ILE B 367 -10.84 20.39 -27.09
N SER B 368 -12.14 20.53 -26.85
N SER B 368 -12.13 20.58 -26.84
CA SER B 368 -12.96 21.36 -27.73
CA SER B 368 -12.95 21.34 -27.76
C SER B 368 -12.38 22.76 -27.84
C SER B 368 -12.59 22.82 -27.75
N GLU B 369 -11.89 23.29 -26.73
CA GLU B 369 -11.43 24.67 -26.64
C GLU B 369 -9.94 24.83 -26.95
N GLY B 370 -9.25 23.73 -27.27
CA GLY B 370 -7.84 23.80 -27.58
C GLY B 370 -6.96 24.09 -26.39
N ARG B 371 -7.38 23.70 -25.19
CA ARG B 371 -6.64 23.93 -23.95
C ARG B 371 -6.43 22.64 -23.19
N PHE B 372 -6.45 21.49 -23.88
CA PHE B 372 -6.31 20.22 -23.18
C PHE B 372 -4.89 20.02 -22.68
N SER B 373 -3.91 20.41 -23.47
CA SER B 373 -2.52 20.25 -23.03
C SER B 373 -2.29 21.01 -21.73
N GLN B 374 -2.82 22.23 -21.64
CA GLN B 374 -2.70 23.00 -20.41
C GLN B 374 -3.46 22.34 -19.28
N PHE B 375 -4.67 21.87 -19.55
CA PHE B 375 -5.46 21.20 -18.53
C PHE B 375 -4.71 20.01 -17.94
N ALA B 376 -4.08 19.22 -18.80
CA ALA B 376 -3.39 18.03 -18.31
C ALA B 376 -2.27 18.43 -17.37
N GLN B 377 -1.50 19.45 -17.76
CA GLN B 377 -0.43 19.96 -16.92
C GLN B 377 -0.97 20.48 -15.59
N ASP B 378 -2.05 21.27 -15.64
CA ASP B 378 -2.63 21.83 -14.41
C ASP B 378 -3.22 20.74 -13.53
N PHE B 379 -3.94 19.80 -14.14
CA PHE B 379 -4.50 18.67 -13.40
C PHE B 379 -3.41 17.91 -12.65
N ARG B 380 -2.32 17.54 -13.33
CA ARG B 380 -1.28 16.74 -12.69
C ARG B 380 -0.59 17.51 -11.58
N ALA B 381 -0.31 18.80 -11.80
CA ALA B 381 0.39 19.57 -10.79
C ALA B 381 -0.39 19.59 -9.48
N ARG B 382 -1.70 19.76 -9.57
CA ARG B 382 -2.53 19.81 -8.38
C ARG B 382 -2.80 18.43 -7.80
N TYR B 383 -3.11 17.45 -8.66
CA TYR B 383 -3.47 16.12 -8.18
C TYR B 383 -2.32 15.46 -7.43
N PHE B 384 -1.08 15.71 -7.87
CA PHE B 384 0.09 15.11 -7.27
C PHE B 384 0.84 16.03 -6.32
N ALA B 385 0.36 17.24 -6.10
CA ALA B 385 0.94 18.08 -5.08
C ALA B 385 0.77 17.40 -3.74
ZN ZN C . 11.42 -5.49 -1.15
C1 GOL D . -9.60 8.52 16.20
O1 GOL D . -9.21 7.69 17.33
C2 GOL D . -11.18 8.57 16.03
O2 GOL D . -11.77 9.63 16.71
C3 GOL D . -11.46 8.72 14.50
O3 GOL D . -12.84 9.05 14.32
C14 OQN E . 16.53 -7.39 24.00
C13 OQN E . 16.39 -6.11 25.72
C12 OQN E . 17.27 -5.47 24.81
C16 OQN E . 16.15 -5.57 26.98
C17 OQN E . 16.80 -4.38 27.32
C11 OQN E . 20.34 -2.15 22.09
C8 OQN E . 19.42 0.25 21.09
C6 OQN E . 19.05 -1.74 22.40
C7 OQN E . 18.61 -0.52 21.89
C2 OQN E . 17.67 -3.74 26.43
C5 OQN E . 18.11 -2.61 23.21
C4 OQN E . 18.86 -3.62 24.16
C3 OQN E . 17.91 -4.26 25.15
N OQN E . 17.43 -2.73 28.94
C OQN E . 16.67 -3.85 28.68
O OQN E . 15.97 -4.36 29.55
C1 OQN E . 18.24 -2.13 28.02
C10 OQN E . 21.15 -1.37 21.28
C15 OQN E . 17.08 -8.59 21.92
C9 OQN E . 20.69 -0.17 20.76
N1 OQN E . 18.85 -0.99 28.39
N2 OQN E . 18.39 -2.60 26.78
N3 OQN E . 15.94 -7.31 25.17
N4 OQN E . 16.38 -8.43 23.18
N5 OQN E . 17.33 -6.32 23.73
ZN ZN F . -18.67 15.25 -4.79
C1 GOL G . -31.92 6.23 -15.58
O1 GOL G . -32.74 5.32 -14.91
C2 GOL G . -32.25 6.11 -17.06
O2 GOL G . -32.55 4.80 -17.44
C3 GOL G . -31.03 6.68 -17.77
O3 GOL G . -31.51 7.32 -18.90
C1 GOL H . -7.83 20.54 -12.30
O1 GOL H . -7.03 20.70 -11.18
C2 GOL H . -8.76 21.74 -12.32
O2 GOL H . -9.49 21.81 -13.48
C3 GOL H . -9.64 21.58 -11.05
O3 GOL H . -10.74 22.42 -11.19
C14 OQN I . -8.05 -4.76 -17.37
C13 OQN I . -8.17 -5.63 -19.34
C12 OQN I . -9.47 -5.71 -18.78
C16 OQN I . -7.92 -6.16 -20.60
C17 OQN I . -8.98 -6.81 -21.28
C11 OQN I . -14.55 -4.28 -17.45
C8 OQN I . -15.72 -6.74 -17.06
C6 OQN I . -14.04 -5.38 -18.11
C7 OQN I . -14.64 -6.61 -17.91
C2 OQN I . -10.27 -6.85 -20.73
C5 OQN I . -12.79 -5.26 -18.96
C4 OQN I . -11.86 -6.46 -18.75
C3 OQN I . -10.53 -6.31 -19.47
N OQN I . -9.83 -8.14 -23.09
C OQN I . -8.72 -7.49 -22.55
O OQN I . -7.63 -7.52 -23.11
C1 OQN I . -11.06 -8.12 -22.52
C10 OQN I . -15.64 -4.41 -16.60
C15 OQN I . -8.39 -3.99 -15.07
C9 OQN I . -16.22 -5.64 -16.40
N1 OQN I . -12.04 -8.76 -23.18
N2 OQN I . -11.34 -7.51 -21.37
N3 OQN I . -7.31 -5.01 -18.43
N4 OQN I . -7.58 -4.21 -16.26
N5 OQN I . -9.34 -5.15 -17.52
#